data_7CVV
#
_entry.id   7CVV
#
_cell.length_a   166.185
_cell.length_b   93.181
_cell.length_c   43.335
_cell.angle_alpha   90.000
_cell.angle_beta   104.120
_cell.angle_gamma   90.000
#
_symmetry.space_group_name_H-M   'C 1 2 1'
#
loop_
_entity.id
_entity.type
_entity.pdbx_description
1 polymer 'O-methyltransferase family 3'
2 non-polymer S-ADENOSYLMETHIONINE
3 water water
#
_entity_poly.entity_id   1
_entity_poly.type   'polypeptide(L)'
_entity_poly.pdbx_seq_one_letter_code
;MNNQIFESVDHYISDLLGYEDDALLAATNSLAEAGMPAISVSPNQGKFLQLLAQLCQAKNILELGTLAGYSTIWMARALP
KNGRLITLEYDPKHAAVAQKNIDRAGLTSQVQIRTGKAIDILPQLVEEGAGPFDMIFIDADKPPYTEYFQWALRLSRPGT
LIVADNVIRDGKVLDENSTEPAVQGARRFNAMLGANTAVDATILQMVGVKEYDGMALAIVKLEHHHHHH
;
_entity_poly.pdbx_strand_id   A,B,C
#
loop_
_chem_comp.id
_chem_comp.type
_chem_comp.name
_chem_comp.formula
SAM non-polymer S-ADENOSYLMETHIONINE 'C15 H22 N6 O5 S'
#
# COMPACT_ATOMS: atom_id res chain seq x y z
N ASN A 3 25.65 -5.92 19.80
CA ASN A 3 25.40 -6.81 20.95
C ASN A 3 24.55 -8.00 20.46
N GLN A 4 24.92 -9.20 20.91
CA GLN A 4 24.27 -10.48 20.53
C GLN A 4 22.78 -10.38 20.86
N ILE A 5 22.44 -9.64 21.91
CA ILE A 5 21.05 -9.56 22.44
C ILE A 5 20.13 -8.93 21.38
N PHE A 6 20.54 -7.83 20.74
CA PHE A 6 19.72 -7.19 19.67
C PHE A 6 19.50 -8.18 18.54
N GLU A 7 20.57 -8.90 18.22
CA GLU A 7 20.61 -9.79 17.04
C GLU A 7 19.76 -11.03 17.37
N SER A 8 19.86 -11.56 18.58
CA SER A 8 19.10 -12.75 19.01
C SER A 8 17.61 -12.40 19.08
N VAL A 9 17.28 -11.22 19.59
CA VAL A 9 15.87 -10.76 19.76
C VAL A 9 15.22 -10.56 18.38
N ASP A 10 15.99 -10.11 17.38
CA ASP A 10 15.54 -9.91 15.98
C ASP A 10 15.19 -11.27 15.36
N HIS A 11 16.04 -12.29 15.54
CA HIS A 11 15.79 -13.71 15.13
C HIS A 11 14.50 -14.23 15.79
N TYR A 12 14.31 -13.91 17.07
CA TYR A 12 13.12 -14.33 17.86
C TYR A 12 11.85 -13.69 17.26
N ILE A 13 11.90 -12.40 16.92
CA ILE A 13 10.73 -11.65 16.37
C ILE A 13 10.40 -12.18 14.98
N SER A 14 11.39 -12.42 14.14
CA SER A 14 11.13 -12.84 12.73
C SER A 14 10.68 -14.31 12.68
N ASP A 15 11.06 -15.16 13.64
CA ASP A 15 10.53 -16.55 13.75
C ASP A 15 9.02 -16.50 13.98
N LEU A 16 8.51 -15.51 14.72
CA LEU A 16 7.09 -15.40 15.10
C LEU A 16 6.29 -14.57 14.10
N LEU A 17 6.90 -13.58 13.45
CA LEU A 17 6.15 -12.45 12.85
C LEU A 17 6.88 -11.87 11.64
N GLY A 18 7.97 -12.50 11.19
CA GLY A 18 8.78 -12.00 10.06
C GLY A 18 9.04 -13.09 9.04
N TYR A 19 8.10 -14.00 8.87
CA TYR A 19 8.21 -15.10 7.89
C TYR A 19 8.48 -14.47 6.52
N GLU A 20 9.53 -14.96 5.88
CA GLU A 20 9.94 -14.66 4.50
C GLU A 20 9.55 -15.82 3.59
N ASP A 21 8.67 -15.58 2.63
CA ASP A 21 8.29 -16.61 1.63
C ASP A 21 9.29 -16.57 0.47
N ASP A 22 9.12 -17.48 -0.48
CA ASP A 22 10.07 -17.76 -1.60
C ASP A 22 10.37 -16.49 -2.40
N ALA A 23 9.36 -15.74 -2.82
CA ALA A 23 9.59 -14.49 -3.59
C ALA A 23 10.56 -13.57 -2.82
N LEU A 24 10.40 -13.42 -1.49
CA LEU A 24 11.30 -12.59 -0.63
C LEU A 24 12.70 -13.22 -0.53
N LEU A 25 12.81 -14.54 -0.33
CA LEU A 25 14.14 -15.22 -0.27
C LEU A 25 14.88 -15.03 -1.61
N ALA A 26 14.15 -15.07 -2.72
CA ALA A 26 14.66 -14.92 -4.10
C ALA A 26 15.18 -13.50 -4.29
N ALA A 27 14.39 -12.49 -3.92
CA ALA A 27 14.80 -11.07 -3.94
C ALA A 27 16.17 -10.93 -3.26
N THR A 28 16.32 -11.45 -2.06
CA THR A 28 17.60 -11.34 -1.28
C THR A 28 18.73 -11.96 -2.12
N ASN A 29 18.52 -13.18 -2.66
CA ASN A 29 19.56 -13.92 -3.43
C ASN A 29 19.86 -13.26 -4.79
N SER A 30 18.90 -12.58 -5.43
CA SER A 30 19.09 -11.85 -6.70
C SER A 30 20.27 -10.85 -6.55
N LEU A 31 20.53 -10.35 -5.34
CA LEU A 31 21.54 -9.30 -5.08
C LEU A 31 22.95 -9.83 -5.37
N ALA A 32 23.32 -10.97 -4.78
CA ALA A 32 24.62 -11.65 -4.99
C ALA A 32 24.74 -12.04 -6.47
N GLU A 33 23.68 -12.54 -7.07
CA GLU A 33 23.65 -13.02 -8.48
C GLU A 33 23.98 -11.83 -9.39
N ALA A 34 23.29 -10.69 -9.23
CA ALA A 34 23.47 -9.46 -10.04
C ALA A 34 24.57 -8.55 -9.47
N GLY A 35 25.26 -8.99 -8.41
CA GLY A 35 26.33 -8.19 -7.75
C GLY A 35 25.83 -6.82 -7.37
N MET A 36 24.69 -6.75 -6.66
CA MET A 36 24.12 -5.50 -6.12
C MET A 36 24.44 -5.48 -4.62
N PRO A 37 24.54 -4.30 -3.99
CA PRO A 37 24.83 -4.23 -2.56
C PRO A 37 23.67 -4.74 -1.69
N ALA A 38 24.00 -5.44 -0.61
CA ALA A 38 23.05 -6.00 0.38
C ALA A 38 22.59 -4.88 1.33
N ILE A 39 21.75 -3.97 0.85
CA ILE A 39 21.37 -2.72 1.59
C ILE A 39 19.83 -2.62 1.63
N SER A 40 19.15 -3.76 1.60
CA SER A 40 17.67 -3.84 1.68
C SER A 40 17.22 -3.68 3.14
N VAL A 41 15.94 -3.38 3.36
CA VAL A 41 15.31 -3.48 4.71
C VAL A 41 15.43 -4.93 5.17
N SER A 42 15.33 -5.17 6.48
CA SER A 42 15.30 -6.52 7.10
C SER A 42 13.88 -7.06 6.96
N PRO A 43 13.63 -8.39 7.12
CA PRO A 43 12.25 -8.89 7.20
C PRO A 43 11.39 -8.11 8.22
N ASN A 44 11.89 -7.83 9.43
CA ASN A 44 11.05 -7.23 10.50
C ASN A 44 10.68 -5.78 10.12
N GLN A 45 11.61 -5.04 9.53
CA GLN A 45 11.32 -3.70 8.93
C GLN A 45 10.30 -3.86 7.80
N GLY A 46 10.47 -4.90 6.99
CA GLY A 46 9.56 -5.27 5.89
C GLY A 46 8.15 -5.40 6.42
N LYS A 47 8.01 -6.11 7.51
CA LYS A 47 6.69 -6.37 8.10
C LYS A 47 6.16 -5.06 8.67
N PHE A 48 7.04 -4.27 9.29
CA PHE A 48 6.64 -2.96 9.86
C PHE A 48 6.06 -2.07 8.75
N LEU A 49 6.73 -2.00 7.62
CA LEU A 49 6.28 -1.18 6.46
C LEU A 49 4.90 -1.66 6.01
N GLN A 50 4.67 -2.97 6.03
CA GLN A 50 3.38 -3.57 5.62
C GLN A 50 2.26 -3.08 6.56
N LEU A 51 2.48 -3.06 7.87
CA LEU A 51 1.43 -2.69 8.86
C LEU A 51 1.08 -1.23 8.70
N LEU A 52 2.10 -0.38 8.53
CA LEU A 52 1.90 1.07 8.38
C LEU A 52 1.06 1.33 7.12
N ALA A 53 1.30 0.55 6.06
CA ALA A 53 0.61 0.68 4.77
C ALA A 53 -0.87 0.37 5.02
N GLN A 54 -1.14 -0.75 5.68
CA GLN A 54 -2.50 -1.17 6.13
C GLN A 54 -3.12 -0.10 7.04
N LEU A 55 -2.35 0.56 7.91
CA LEU A 55 -2.86 1.65 8.80
C LEU A 55 -3.24 2.91 8.02
N CYS A 56 -2.59 3.22 6.88
CA CYS A 56 -2.98 4.33 5.94
C CYS A 56 -4.08 3.89 4.98
N GLN A 57 -4.54 2.63 5.10
CA GLN A 57 -5.56 2.06 4.19
C GLN A 57 -5.10 2.29 2.76
N ALA A 58 -3.84 1.97 2.48
CA ALA A 58 -3.11 2.26 1.24
C ALA A 58 -3.77 1.58 0.03
N LYS A 59 -4.18 2.39 -0.96
CA LYS A 59 -4.48 1.92 -2.34
C LYS A 59 -3.36 2.38 -3.28
N ASN A 60 -2.60 3.41 -2.86
CA ASN A 60 -1.60 4.12 -3.69
C ASN A 60 -0.34 4.39 -2.88
N ILE A 61 0.79 3.73 -3.21
CA ILE A 61 2.07 3.88 -2.46
C ILE A 61 3.15 4.36 -3.41
N LEU A 62 3.95 5.33 -2.94
CA LEU A 62 5.15 5.85 -3.66
C LEU A 62 6.40 5.43 -2.88
N GLU A 63 7.38 4.90 -3.62
CA GLU A 63 8.64 4.33 -3.10
C GLU A 63 9.79 4.97 -3.90
N LEU A 64 10.73 5.64 -3.23
CA LEU A 64 12.01 6.07 -3.84
C LEU A 64 13.07 5.03 -3.49
N GLY A 65 13.60 4.30 -4.45
CA GLY A 65 14.69 3.35 -4.22
C GLY A 65 14.14 1.95 -4.14
N THR A 66 14.16 1.25 -5.28
CA THR A 66 13.61 -0.11 -5.48
C THR A 66 14.64 -1.16 -5.05
N LEU A 67 15.89 -1.04 -5.51
CA LEU A 67 16.95 -2.07 -5.45
C LEU A 67 16.41 -3.36 -6.10
N ALA A 68 16.40 -4.50 -5.41
CA ALA A 68 15.89 -5.77 -5.97
C ALA A 68 14.38 -5.90 -5.72
N GLY A 69 13.78 -4.88 -5.11
CA GLY A 69 12.34 -4.83 -4.78
C GLY A 69 11.94 -5.66 -3.57
N TYR A 70 12.83 -5.86 -2.61
CA TYR A 70 12.52 -6.55 -1.33
C TYR A 70 11.41 -5.78 -0.58
N SER A 71 11.63 -4.48 -0.32
CA SER A 71 10.69 -3.60 0.43
C SER A 71 9.39 -3.47 -0.35
N THR A 72 9.52 -3.43 -1.67
CA THR A 72 8.40 -3.33 -2.65
C THR A 72 7.44 -4.50 -2.44
N ILE A 73 7.95 -5.74 -2.39
CA ILE A 73 7.11 -6.97 -2.18
C ILE A 73 6.33 -6.88 -0.85
N TRP A 74 6.98 -6.52 0.27
CA TRP A 74 6.31 -6.39 1.61
C TRP A 74 5.17 -5.38 1.56
N MET A 75 5.40 -4.22 0.95
CA MET A 75 4.45 -3.08 0.97
C MET A 75 3.33 -3.29 -0.08
N ALA A 76 3.65 -3.87 -1.23
CA ALA A 76 2.65 -4.17 -2.29
C ALA A 76 1.68 -5.26 -1.79
N ARG A 77 2.10 -6.11 -0.83
CA ARG A 77 1.24 -7.20 -0.31
C ARG A 77 0.22 -6.63 0.68
N ALA A 78 0.40 -5.38 1.16
CA ALA A 78 -0.63 -4.69 1.97
C ALA A 78 -1.75 -4.11 1.07
N LEU A 79 -1.55 -4.02 -0.24
CA LEU A 79 -2.55 -3.40 -1.17
C LEU A 79 -3.72 -4.37 -1.34
N PRO A 80 -4.97 -3.88 -1.51
CA PRO A 80 -6.05 -4.74 -2.03
C PRO A 80 -5.87 -4.96 -3.55
N LYS A 81 -6.71 -5.83 -4.15
CA LYS A 81 -6.63 -6.30 -5.56
C LYS A 81 -6.42 -5.08 -6.48
N ASN A 82 -7.17 -3.99 -6.28
CA ASN A 82 -7.11 -2.83 -7.19
C ASN A 82 -6.21 -1.72 -6.63
N GLY A 83 -5.14 -2.10 -5.94
CA GLY A 83 -4.13 -1.18 -5.39
C GLY A 83 -2.96 -1.01 -6.34
N ARG A 84 -2.14 0.00 -6.08
CA ARG A 84 -1.05 0.43 -6.98
C ARG A 84 0.15 0.93 -6.16
N LEU A 85 1.34 0.39 -6.45
CA LEU A 85 2.64 0.88 -5.95
C LEU A 85 3.52 1.31 -7.12
N ILE A 86 3.93 2.56 -7.08
CA ILE A 86 4.91 3.14 -8.04
C ILE A 86 6.23 3.35 -7.29
N THR A 87 7.28 2.65 -7.74
CA THR A 87 8.63 2.62 -7.14
C THR A 87 9.64 3.20 -8.15
N LEU A 88 10.49 4.15 -7.72
CA LEU A 88 11.48 4.84 -8.59
C LEU A 88 12.89 4.27 -8.34
N GLU A 89 13.65 4.08 -9.43
CA GLU A 89 15.00 3.44 -9.43
C GLU A 89 15.90 4.07 -10.51
N TYR A 90 17.01 4.68 -10.11
CA TYR A 90 17.98 5.33 -11.04
C TYR A 90 18.65 4.26 -11.91
N ASP A 91 18.85 3.08 -11.35
CA ASP A 91 19.77 2.05 -11.90
C ASP A 91 18.97 1.04 -12.72
N PRO A 92 19.15 1.02 -14.06
CA PRO A 92 18.40 0.08 -14.91
C PRO A 92 18.70 -1.40 -14.62
N LYS A 93 19.92 -1.74 -14.19
CA LYS A 93 20.23 -3.10 -13.73
C LYS A 93 19.30 -3.44 -12.56
N HIS A 94 19.20 -2.52 -11.58
CA HIS A 94 18.39 -2.66 -10.35
C HIS A 94 16.93 -2.83 -10.76
N ALA A 95 16.40 -1.93 -11.60
CA ALA A 95 15.01 -2.03 -12.12
C ALA A 95 14.73 -3.44 -12.70
N ALA A 96 15.57 -3.91 -13.62
CA ALA A 96 15.38 -5.18 -14.39
C ALA A 96 15.34 -6.37 -13.44
N VAL A 97 16.18 -6.37 -12.41
CA VAL A 97 16.21 -7.43 -11.38
C VAL A 97 14.93 -7.34 -10.54
N ALA A 98 14.54 -6.11 -10.14
CA ALA A 98 13.31 -5.81 -9.35
C ALA A 98 12.08 -6.26 -10.14
N GLN A 99 12.14 -6.16 -11.48
CA GLN A 99 11.02 -6.61 -12.35
C GLN A 99 10.90 -8.15 -12.27
N LYS A 100 11.99 -8.89 -12.37
CA LYS A 100 11.94 -10.38 -12.28
C LYS A 100 11.34 -10.77 -10.92
N ASN A 101 11.77 -10.08 -9.87
CA ASN A 101 11.46 -10.41 -8.44
C ASN A 101 10.00 -10.12 -8.18
N ILE A 102 9.49 -9.02 -8.75
CA ILE A 102 8.06 -8.63 -8.65
C ILE A 102 7.19 -9.63 -9.42
N ASP A 103 7.63 -10.09 -10.59
CA ASP A 103 6.89 -11.05 -11.44
C ASP A 103 6.84 -12.39 -10.69
N ARG A 104 7.98 -12.88 -10.20
CA ARG A 104 8.03 -14.12 -9.38
C ARG A 104 7.07 -14.04 -8.19
N ALA A 105 6.64 -12.85 -7.77
CA ALA A 105 5.76 -12.67 -6.59
C ALA A 105 4.30 -12.51 -7.01
N GLY A 106 4.00 -12.52 -8.31
CA GLY A 106 2.62 -12.34 -8.81
C GLY A 106 2.13 -10.93 -8.52
N LEU A 107 3.03 -9.94 -8.47
CA LEU A 107 2.69 -8.52 -8.17
C LEU A 107 2.85 -7.67 -9.44
N THR A 108 2.91 -8.29 -10.61
CA THR A 108 3.13 -7.59 -11.91
C THR A 108 2.04 -6.54 -12.14
N SER A 109 0.79 -6.83 -11.79
CA SER A 109 -0.37 -5.95 -12.11
C SER A 109 -0.46 -4.78 -11.10
N GLN A 110 0.09 -4.93 -9.89
CA GLN A 110 -0.02 -3.93 -8.80
C GLN A 110 1.17 -2.98 -8.78
N VAL A 111 2.33 -3.41 -9.26
CA VAL A 111 3.61 -2.66 -9.09
C VAL A 111 4.01 -2.09 -10.45
N GLN A 112 4.37 -0.80 -10.49
CA GLN A 112 5.01 -0.18 -11.67
C GLN A 112 6.37 0.41 -11.24
N ILE A 113 7.46 -0.01 -11.91
CA ILE A 113 8.84 0.52 -11.75
C ILE A 113 9.08 1.60 -12.80
N ARG A 114 9.33 2.86 -12.40
CA ARG A 114 9.84 3.93 -13.31
C ARG A 114 11.37 4.07 -13.12
N THR A 115 12.14 3.88 -14.19
CA THR A 115 13.62 4.06 -14.23
C THR A 115 13.94 5.53 -14.46
N GLY A 116 14.95 6.08 -13.77
CA GLY A 116 15.34 7.50 -13.89
C GLY A 116 15.61 8.11 -12.52
N LYS A 117 16.15 9.34 -12.48
CA LYS A 117 16.38 10.07 -11.21
C LYS A 117 15.02 10.39 -10.60
N ALA A 118 14.87 10.19 -9.30
CA ALA A 118 13.69 10.58 -8.49
C ALA A 118 13.36 12.05 -8.74
N ILE A 119 14.33 12.96 -8.70
CA ILE A 119 14.06 14.44 -8.79
C ILE A 119 13.52 14.82 -10.20
N ASP A 120 13.52 13.91 -11.18
CA ASP A 120 12.95 14.13 -12.54
C ASP A 120 11.59 13.46 -12.69
N ILE A 121 11.43 12.28 -12.07
CA ILE A 121 10.18 11.47 -12.15
C ILE A 121 9.11 12.09 -11.23
N LEU A 122 9.51 12.80 -10.17
CA LEU A 122 8.54 13.33 -9.16
C LEU A 122 7.66 14.39 -9.82
N PRO A 123 8.23 15.39 -10.52
CA PRO A 123 7.44 16.33 -11.33
C PRO A 123 6.49 15.63 -12.32
N GLN A 124 6.95 14.56 -12.98
CA GLN A 124 6.15 13.83 -13.98
C GLN A 124 4.94 13.18 -13.30
N LEU A 125 5.06 12.91 -11.99
CA LEU A 125 3.94 12.30 -11.21
C LEU A 125 2.96 13.41 -10.82
N VAL A 126 3.45 14.64 -10.57
CA VAL A 126 2.58 15.84 -10.34
C VAL A 126 1.79 16.13 -11.63
N GLU A 127 2.50 16.44 -12.72
CA GLU A 127 1.93 16.72 -14.06
C GLU A 127 0.86 15.68 -14.40
N GLU A 128 1.17 14.37 -14.33
CA GLU A 128 0.25 13.30 -14.81
C GLU A 128 -0.80 13.00 -13.72
N GLY A 129 -0.78 13.72 -12.59
CA GLY A 129 -1.78 13.61 -11.51
C GLY A 129 -1.91 12.19 -10.99
N ALA A 130 -0.79 11.53 -10.66
CA ALA A 130 -0.73 10.15 -10.12
C ALA A 130 -0.98 10.18 -8.61
N GLY A 131 -0.90 11.36 -7.99
CA GLY A 131 -1.23 11.55 -6.56
C GLY A 131 -2.73 11.36 -6.29
N PRO A 132 -3.20 11.63 -5.06
CA PRO A 132 -2.33 11.59 -3.88
C PRO A 132 -1.93 10.14 -3.54
N PHE A 133 -0.80 9.97 -2.86
CA PHE A 133 -0.38 8.65 -2.30
C PHE A 133 -0.80 8.58 -0.83
N ASP A 134 -1.18 7.38 -0.42
CA ASP A 134 -1.59 7.05 0.96
C ASP A 134 -0.36 7.00 1.85
N MET A 135 0.72 6.42 1.30
CA MET A 135 2.00 6.19 1.99
C MET A 135 3.12 6.40 0.97
N ILE A 136 4.23 6.99 1.43
CA ILE A 136 5.43 7.34 0.62
C ILE A 136 6.67 6.92 1.38
N PHE A 137 7.44 6.00 0.80
CA PHE A 137 8.67 5.44 1.38
C PHE A 137 9.86 6.04 0.63
N ILE A 138 10.66 6.87 1.32
CA ILE A 138 11.92 7.46 0.79
C ILE A 138 13.11 6.65 1.32
N ASP A 139 13.92 6.10 0.42
CA ASP A 139 15.04 5.16 0.71
C ASP A 139 16.04 5.19 -0.47
N ALA A 140 16.38 6.38 -0.98
CA ALA A 140 17.32 6.57 -2.10
C ALA A 140 18.61 7.23 -1.58
N ASP A 141 19.38 7.90 -2.47
CA ASP A 141 20.52 8.78 -2.08
C ASP A 141 20.01 9.76 -1.01
N LYS A 142 20.88 10.12 -0.06
CA LYS A 142 20.49 10.86 1.17
C LYS A 142 20.63 12.38 1.00
N PRO A 143 21.63 12.91 0.27
CA PRO A 143 21.80 14.36 0.18
C PRO A 143 20.53 15.13 -0.23
N PRO A 144 19.72 14.67 -1.22
CA PRO A 144 18.48 15.36 -1.57
C PRO A 144 17.21 14.90 -0.81
N TYR A 145 17.36 14.35 0.39
CA TYR A 145 16.24 13.96 1.26
C TYR A 145 15.30 15.15 1.47
N THR A 146 15.80 16.36 1.73
CA THR A 146 14.96 17.57 2.04
C THR A 146 14.10 17.87 0.80
N GLU A 147 14.61 17.63 -0.40
CA GLU A 147 13.87 17.96 -1.65
C GLU A 147 12.87 16.86 -1.97
N TYR A 148 13.25 15.59 -1.77
CA TYR A 148 12.34 14.44 -2.02
C TYR A 148 11.09 14.63 -1.17
N PHE A 149 11.26 15.12 0.07
CA PHE A 149 10.17 15.30 1.06
C PHE A 149 9.21 16.41 0.61
N GLN A 150 9.73 17.52 0.08
CA GLN A 150 8.92 18.65 -0.50
C GLN A 150 8.01 18.10 -1.61
N TRP A 151 8.61 17.41 -2.57
CA TRP A 151 7.87 16.65 -3.62
C TRP A 151 6.90 15.66 -2.96
N ALA A 152 7.32 14.94 -1.93
CA ALA A 152 6.44 14.00 -1.20
C ALA A 152 5.17 14.74 -0.79
N LEU A 153 5.31 15.93 -0.15
CA LEU A 153 4.17 16.75 0.35
C LEU A 153 3.28 17.15 -0.82
N ARG A 154 3.92 17.52 -1.91
CA ARG A 154 3.23 17.97 -3.15
C ARG A 154 2.36 16.80 -3.67
N LEU A 155 2.67 15.55 -3.30
CA LEU A 155 1.95 14.31 -3.76
C LEU A 155 1.10 13.67 -2.66
N SER A 156 0.89 14.37 -1.54
CA SER A 156 0.22 13.84 -0.33
C SER A 156 -1.25 14.24 -0.30
N ARG A 157 -1.98 13.69 0.66
CA ARG A 157 -3.33 14.14 1.09
C ARG A 157 -3.28 14.28 2.59
N PRO A 158 -4.22 15.00 3.23
CA PRO A 158 -4.22 15.08 4.69
C PRO A 158 -4.24 13.65 5.23
N GLY A 159 -3.28 13.27 6.07
CA GLY A 159 -3.23 11.94 6.71
C GLY A 159 -2.33 10.95 5.98
N THR A 160 -1.60 11.38 4.92
CA THR A 160 -0.55 10.60 4.22
C THR A 160 0.62 10.39 5.17
N LEU A 161 1.07 9.13 5.30
CA LEU A 161 2.27 8.74 6.10
C LEU A 161 3.46 8.82 5.16
N ILE A 162 4.45 9.66 5.48
CA ILE A 162 5.75 9.71 4.78
C ILE A 162 6.80 9.04 5.68
N VAL A 163 7.55 8.11 5.08
CA VAL A 163 8.62 7.35 5.78
C VAL A 163 9.95 7.62 5.07
N ALA A 164 10.97 7.90 5.86
CA ALA A 164 12.35 8.18 5.42
C ALA A 164 13.26 7.34 6.29
N ASP A 165 14.05 6.50 5.64
CA ASP A 165 14.88 5.46 6.29
C ASP A 165 16.34 5.94 6.39
N ASN A 166 17.08 5.45 7.39
CA ASN A 166 18.54 5.65 7.62
C ASN A 166 18.84 7.14 7.74
N VAL A 167 18.21 7.80 8.71
CA VAL A 167 18.40 9.27 8.98
C VAL A 167 19.20 9.48 10.27
N ILE A 168 19.65 8.40 10.93
CA ILE A 168 20.46 8.43 12.19
C ILE A 168 21.92 8.08 11.88
N ARG A 169 22.13 7.01 11.11
CA ARG A 169 23.41 6.63 10.45
C ARG A 169 24.45 6.18 11.47
N ASP A 170 24.09 5.23 12.33
CA ASP A 170 24.96 4.75 13.43
C ASP A 170 25.22 5.89 14.43
N GLY A 171 24.35 6.89 14.51
CA GLY A 171 24.48 8.03 15.44
C GLY A 171 25.52 9.05 14.98
N LYS A 172 26.02 8.90 13.77
CA LYS A 172 26.99 9.87 13.17
C LYS A 172 26.32 11.23 12.94
N VAL A 173 24.99 11.33 12.96
CA VAL A 173 24.27 12.63 12.80
C VAL A 173 24.55 13.51 14.04
N LEU A 174 25.12 12.94 15.11
CA LEU A 174 25.52 13.73 16.31
C LEU A 174 26.77 14.55 16.02
N ASP A 175 27.56 14.19 15.00
CA ASP A 175 28.80 14.90 14.62
C ASP A 175 28.45 16.05 13.66
N GLU A 176 28.30 17.27 14.20
CA GLU A 176 28.07 18.51 13.40
C GLU A 176 29.21 18.65 12.38
N ASN A 177 30.39 18.11 12.68
CA ASN A 177 31.64 18.37 11.91
C ASN A 177 31.88 17.26 10.87
N SER A 178 30.98 16.28 10.75
CA SER A 178 31.12 15.18 9.76
C SER A 178 30.94 15.73 8.34
N THR A 179 31.80 15.35 7.39
CA THR A 179 31.80 15.86 6.00
C THR A 179 31.34 14.75 5.03
N GLU A 180 30.80 13.64 5.55
CA GLU A 180 30.14 12.62 4.70
C GLU A 180 28.86 13.22 4.13
N PRO A 181 28.66 13.17 2.78
CA PRO A 181 27.47 13.75 2.17
C PRO A 181 26.17 13.17 2.76
N ALA A 182 26.16 11.88 3.10
CA ALA A 182 25.00 11.14 3.67
C ALA A 182 24.67 11.64 5.09
N VAL A 183 25.66 11.81 5.96
CA VAL A 183 25.45 12.32 7.34
C VAL A 183 24.94 13.77 7.25
N GLN A 184 25.46 14.56 6.31
CA GLN A 184 25.05 15.98 6.12
C GLN A 184 23.62 16.01 5.54
N GLY A 185 23.28 15.09 4.63
CA GLY A 185 21.92 15.00 4.07
C GLY A 185 20.90 14.69 5.15
N ALA A 186 21.19 13.69 6.00
CA ALA A 186 20.32 13.29 7.13
C ALA A 186 20.20 14.46 8.12
N ARG A 187 21.30 15.11 8.50
CA ARG A 187 21.27 16.26 9.45
C ARG A 187 20.37 17.38 8.88
N ARG A 188 20.45 17.66 7.58
CA ARG A 188 19.61 18.74 7.00
C ARG A 188 18.17 18.31 7.16
N PHE A 189 17.89 17.08 6.74
CA PHE A 189 16.53 16.49 6.75
C PHE A 189 15.96 16.51 8.17
N ASN A 190 16.73 16.12 9.18
CA ASN A 190 16.23 16.00 10.58
C ASN A 190 15.85 17.42 11.06
N ALA A 191 16.71 18.41 10.81
CA ALA A 191 16.47 19.83 11.18
C ALA A 191 15.21 20.32 10.43
N MET A 192 15.06 19.97 9.16
CA MET A 192 13.88 20.36 8.34
C MET A 192 12.60 19.76 8.92
N LEU A 193 12.57 18.46 9.23
CA LEU A 193 11.42 17.80 9.91
C LEU A 193 11.09 18.59 11.16
N GLY A 194 12.07 18.77 12.04
CA GLY A 194 11.90 19.51 13.30
C GLY A 194 11.23 20.84 13.11
N ALA A 195 11.40 21.50 11.97
CA ALA A 195 10.92 22.88 11.70
C ALA A 195 9.62 22.87 10.87
N ASN A 196 9.20 21.71 10.36
CA ASN A 196 8.11 21.61 9.34
C ASN A 196 6.75 21.62 10.03
N THR A 197 5.87 22.55 9.65
CA THR A 197 4.52 22.72 10.26
C THR A 197 3.47 21.97 9.43
N ALA A 198 3.79 21.47 8.26
CA ALA A 198 2.82 20.71 7.43
C ALA A 198 2.71 19.24 7.89
N VAL A 199 3.52 18.81 8.86
CA VAL A 199 3.58 17.38 9.31
C VAL A 199 3.71 17.35 10.83
N ASP A 200 3.27 16.26 11.45
CA ASP A 200 3.72 15.83 12.82
C ASP A 200 4.59 14.61 12.60
N ALA A 201 5.70 14.51 13.33
CA ALA A 201 6.75 13.54 13.00
C ALA A 201 7.54 13.18 14.26
N THR A 202 8.17 12.02 14.14
CA THR A 202 9.19 11.51 15.09
C THR A 202 10.23 10.74 14.28
N ILE A 203 11.30 10.31 14.94
CA ILE A 203 12.29 9.36 14.38
C ILE A 203 12.40 8.17 15.32
N LEU A 204 12.20 6.95 14.80
CA LEU A 204 12.43 5.66 15.51
C LEU A 204 13.90 5.22 15.41
N GLN A 205 14.48 4.91 16.55
CA GLN A 205 15.77 4.18 16.65
C GLN A 205 15.51 2.68 16.50
N MET A 206 16.14 2.04 15.52
CA MET A 206 15.94 0.60 15.24
C MET A 206 17.23 -0.17 15.49
N VAL A 207 17.10 -1.38 16.06
CA VAL A 207 18.24 -2.32 16.25
C VAL A 207 17.79 -3.72 15.88
N GLY A 208 18.75 -4.58 15.58
CA GLY A 208 18.52 -5.90 15.00
C GLY A 208 19.81 -6.38 14.35
N VAL A 209 19.68 -7.19 13.31
CA VAL A 209 20.82 -7.80 12.56
C VAL A 209 21.43 -6.70 11.67
N LYS A 210 20.59 -5.92 10.99
CA LYS A 210 20.98 -4.67 10.28
C LYS A 210 21.52 -3.64 11.28
N GLU A 211 22.57 -2.92 10.89
CA GLU A 211 23.28 -1.95 11.79
C GLU A 211 22.28 -0.87 12.26
N TYR A 212 22.49 -0.41 13.49
CA TYR A 212 21.83 0.74 14.16
C TYR A 212 21.40 1.77 13.12
N ASP A 213 20.08 1.97 13.05
CA ASP A 213 19.29 2.48 11.91
C ASP A 213 18.37 3.54 12.54
N GLY A 214 17.91 4.51 11.77
CA GLY A 214 16.86 5.43 12.24
C GLY A 214 15.84 5.60 11.15
N MET A 215 14.57 5.42 11.46
CA MET A 215 13.46 5.67 10.50
C MET A 215 12.68 6.93 10.92
N ALA A 216 12.43 7.84 9.98
CA ALA A 216 11.56 9.02 10.19
C ALA A 216 10.13 8.65 9.80
N LEU A 217 9.16 9.00 10.65
CA LEU A 217 7.71 8.90 10.34
C LEU A 217 7.09 10.31 10.43
N ALA A 218 6.43 10.75 9.37
CA ALA A 218 5.71 12.03 9.35
C ALA A 218 4.34 11.79 8.72
N ILE A 219 3.30 12.33 9.35
CA ILE A 219 1.90 12.37 8.84
C ILE A 219 1.57 13.82 8.48
N VAL A 220 0.89 13.98 7.35
CA VAL A 220 0.49 15.26 6.70
C VAL A 220 -0.80 15.76 7.37
N LYS A 221 -0.80 16.98 7.89
CA LYS A 221 -1.96 17.63 8.60
C LYS A 221 -2.99 18.17 7.59
N ASN B 3 -24.31 2.81 -49.22
CA ASN B 3 -24.51 4.29 -49.39
C ASN B 3 -23.64 5.02 -48.36
N GLN B 4 -23.36 6.31 -48.63
CA GLN B 4 -22.58 7.22 -47.75
C GLN B 4 -23.44 7.71 -46.58
N ILE B 5 -24.70 7.33 -46.52
CA ILE B 5 -25.63 7.76 -45.42
C ILE B 5 -25.07 7.25 -44.08
N PHE B 6 -24.38 6.11 -44.05
CA PHE B 6 -23.83 5.50 -42.80
C PHE B 6 -22.61 6.29 -42.31
N GLU B 7 -21.74 6.69 -43.24
CA GLU B 7 -20.50 7.43 -42.91
C GLU B 7 -20.88 8.85 -42.49
N SER B 8 -22.13 9.26 -42.73
CA SER B 8 -22.66 10.64 -42.57
C SER B 8 -23.39 10.74 -41.23
N VAL B 9 -24.32 9.82 -41.00
CA VAL B 9 -24.94 9.62 -39.66
C VAL B 9 -23.80 9.40 -38.64
N ASP B 10 -22.74 8.64 -38.97
CA ASP B 10 -21.62 8.34 -38.03
C ASP B 10 -20.87 9.65 -37.68
N HIS B 11 -20.61 10.54 -38.64
CA HIS B 11 -20.05 11.91 -38.43
C HIS B 11 -20.99 12.76 -37.54
N TYR B 12 -22.28 12.81 -37.88
CA TYR B 12 -23.33 13.51 -37.09
C TYR B 12 -23.26 13.06 -35.63
N ILE B 13 -23.28 11.75 -35.40
CA ILE B 13 -23.22 11.11 -34.04
C ILE B 13 -21.92 11.52 -33.33
N SER B 14 -20.79 11.42 -34.02
CA SER B 14 -19.47 11.58 -33.37
C SER B 14 -19.26 13.06 -33.02
N ASP B 15 -19.87 13.97 -33.79
CA ASP B 15 -19.89 15.44 -33.52
C ASP B 15 -20.58 15.68 -32.17
N LEU B 16 -21.65 14.94 -31.90
CA LEU B 16 -22.51 15.06 -30.70
C LEU B 16 -21.95 14.29 -29.50
N LEU B 17 -21.34 13.12 -29.70
CA LEU B 17 -21.13 12.12 -28.60
C LEU B 17 -19.81 11.33 -28.73
N GLY B 18 -18.92 11.67 -29.65
CA GLY B 18 -17.69 10.90 -29.93
C GLY B 18 -16.52 11.83 -30.13
N TYR B 19 -16.42 12.87 -29.32
CA TYR B 19 -15.29 13.85 -29.33
C TYR B 19 -13.98 13.08 -29.12
N GLU B 20 -12.97 13.42 -29.93
CA GLU B 20 -11.59 12.88 -29.82
C GLU B 20 -10.65 13.96 -29.29
N ASP B 21 -9.98 13.69 -28.18
CA ASP B 21 -9.01 14.66 -27.59
C ASP B 21 -7.67 14.44 -28.31
N ASP B 22 -6.66 15.25 -27.99
CA ASP B 22 -5.33 15.21 -28.64
C ASP B 22 -4.77 13.79 -28.59
N ALA B 23 -4.75 13.18 -27.40
CA ALA B 23 -4.14 11.85 -27.15
C ALA B 23 -4.76 10.79 -28.05
N LEU B 24 -6.04 10.88 -28.39
CA LEU B 24 -6.73 9.88 -29.27
C LEU B 24 -6.32 10.15 -30.72
N LEU B 25 -6.21 11.44 -31.08
CA LEU B 25 -5.86 11.82 -32.47
C LEU B 25 -4.43 11.40 -32.76
N ALA B 26 -3.50 11.67 -31.83
CA ALA B 26 -2.09 11.21 -31.94
C ALA B 26 -2.05 9.69 -32.14
N ALA B 27 -2.84 8.95 -31.38
CA ALA B 27 -2.90 7.47 -31.49
C ALA B 27 -3.29 7.06 -32.92
N THR B 28 -4.24 7.75 -33.55
CA THR B 28 -4.63 7.51 -34.97
C THR B 28 -3.48 7.94 -35.90
N ASN B 29 -2.82 9.07 -35.60
CA ASN B 29 -1.67 9.62 -36.37
C ASN B 29 -0.46 8.69 -36.24
N SER B 30 -0.33 7.97 -35.12
CA SER B 30 0.84 7.10 -34.82
C SER B 30 0.84 5.89 -35.77
N LEU B 31 -0.29 5.59 -36.42
CA LEU B 31 -0.44 4.44 -37.34
C LEU B 31 0.41 4.66 -38.60
N ALA B 32 0.19 5.75 -39.32
CA ALA B 32 0.91 6.04 -40.58
C ALA B 32 2.39 6.26 -40.26
N GLU B 33 2.71 6.95 -39.16
CA GLU B 33 4.11 7.24 -38.73
C GLU B 33 4.92 5.94 -38.50
N ALA B 34 4.29 4.87 -37.98
CA ALA B 34 4.97 3.59 -37.65
C ALA B 34 4.63 2.52 -38.70
N GLY B 35 3.97 2.88 -39.79
CA GLY B 35 3.64 2.00 -40.91
C GLY B 35 2.63 0.92 -40.55
N MET B 36 1.82 1.14 -39.51
CA MET B 36 0.86 0.13 -38.96
C MET B 36 -0.43 0.19 -39.76
N PRO B 37 -1.21 -0.91 -39.91
CA PRO B 37 -2.50 -0.87 -40.59
C PRO B 37 -3.57 -0.09 -39.83
N ALA B 38 -4.55 0.45 -40.55
CA ALA B 38 -5.61 1.34 -40.03
C ALA B 38 -6.80 0.49 -39.61
N ILE B 39 -6.60 -0.43 -38.65
CA ILE B 39 -7.61 -1.45 -38.27
C ILE B 39 -8.01 -1.21 -36.80
N SER B 40 -8.15 0.06 -36.43
CA SER B 40 -8.57 0.55 -35.10
C SER B 40 -10.10 0.59 -35.02
N VAL B 41 -10.67 0.65 -33.81
CA VAL B 41 -12.13 0.96 -33.67
C VAL B 41 -12.34 2.42 -34.08
N SER B 42 -13.56 2.70 -34.52
CA SER B 42 -14.06 4.06 -34.83
C SER B 42 -14.28 4.83 -33.52
N PRO B 43 -14.36 6.17 -33.57
CA PRO B 43 -14.65 6.95 -32.36
C PRO B 43 -15.92 6.46 -31.64
N ASN B 44 -16.99 6.20 -32.38
CA ASN B 44 -18.32 5.82 -31.85
C ASN B 44 -18.27 4.42 -31.22
N GLN B 45 -17.50 3.49 -31.79
CA GLN B 45 -17.22 2.19 -31.12
C GLN B 45 -16.40 2.46 -29.85
N GLY B 46 -15.41 3.34 -29.92
CA GLY B 46 -14.62 3.77 -28.76
C GLY B 46 -15.52 4.17 -27.62
N LYS B 47 -16.49 5.03 -27.91
CA LYS B 47 -17.45 5.56 -26.92
C LYS B 47 -18.30 4.41 -26.40
N PHE B 48 -18.76 3.57 -27.32
CA PHE B 48 -19.65 2.43 -27.00
C PHE B 48 -18.94 1.49 -26.01
N LEU B 49 -17.66 1.20 -26.26
CA LEU B 49 -16.84 0.32 -25.40
C LEU B 49 -16.75 0.96 -24.02
N GLN B 50 -16.58 2.29 -23.98
CA GLN B 50 -16.48 3.08 -22.73
C GLN B 50 -17.77 2.94 -21.92
N LEU B 51 -18.93 3.04 -22.58
CA LEU B 51 -20.25 2.91 -21.92
C LEU B 51 -20.41 1.50 -21.34
N LEU B 52 -20.08 0.48 -22.13
CA LEU B 52 -20.19 -0.93 -21.71
C LEU B 52 -19.38 -1.18 -20.43
N ALA B 53 -18.19 -0.61 -20.32
CA ALA B 53 -17.29 -0.85 -19.16
C ALA B 53 -17.85 -0.14 -17.93
N GLN B 54 -18.45 1.04 -18.09
CA GLN B 54 -19.14 1.78 -16.99
C GLN B 54 -20.34 0.96 -16.47
N LEU B 55 -21.14 0.40 -17.39
CA LEU B 55 -22.24 -0.56 -17.10
C LEU B 55 -21.71 -1.76 -16.32
N CYS B 56 -20.47 -2.18 -16.56
CA CYS B 56 -19.78 -3.30 -15.88
C CYS B 56 -19.19 -2.86 -14.53
N GLN B 57 -19.25 -1.56 -14.21
CA GLN B 57 -18.58 -1.02 -13.01
C GLN B 57 -17.14 -1.53 -12.99
N ALA B 58 -16.44 -1.40 -14.12
CA ALA B 58 -15.15 -2.08 -14.37
C ALA B 58 -14.05 -1.38 -13.58
N LYS B 59 -13.31 -2.17 -12.81
CA LYS B 59 -12.05 -1.80 -12.13
C LYS B 59 -10.91 -2.62 -12.76
N ASN B 60 -11.27 -3.71 -13.45
CA ASN B 60 -10.35 -4.66 -14.13
C ASN B 60 -10.87 -4.99 -15.52
N ILE B 61 -10.11 -4.66 -16.56
CA ILE B 61 -10.47 -4.91 -17.98
C ILE B 61 -9.32 -5.69 -18.62
N LEU B 62 -9.62 -6.70 -19.44
CA LEU B 62 -8.62 -7.40 -20.28
C LEU B 62 -8.89 -7.12 -21.76
N GLU B 63 -7.85 -6.77 -22.52
CA GLU B 63 -7.93 -6.45 -23.97
C GLU B 63 -6.96 -7.38 -24.74
N LEU B 64 -7.46 -8.12 -25.74
CA LEU B 64 -6.61 -8.88 -26.70
C LEU B 64 -6.52 -8.10 -28.01
N GLY B 65 -5.34 -7.60 -28.35
CA GLY B 65 -5.07 -6.91 -29.61
C GLY B 65 -5.07 -5.40 -29.40
N THR B 66 -3.89 -4.86 -29.11
CA THR B 66 -3.67 -3.47 -28.64
C THR B 66 -3.57 -2.50 -29.83
N LEU B 67 -2.79 -2.86 -30.84
CA LEU B 67 -2.38 -1.95 -31.96
C LEU B 67 -1.80 -0.67 -31.36
N ALA B 68 -2.27 0.52 -31.72
CA ALA B 68 -1.71 1.78 -31.20
C ALA B 68 -2.46 2.16 -29.94
N GLY B 69 -3.32 1.25 -29.46
CA GLY B 69 -4.09 1.42 -28.21
C GLY B 69 -5.13 2.51 -28.32
N TYR B 70 -5.83 2.60 -29.45
CA TYR B 70 -6.93 3.58 -29.63
C TYR B 70 -8.09 3.17 -28.69
N SER B 71 -8.63 1.96 -28.90
CA SER B 71 -9.69 1.36 -28.04
C SER B 71 -9.24 1.37 -26.58
N THR B 72 -7.95 1.13 -26.33
CA THR B 72 -7.35 1.02 -24.98
C THR B 72 -7.51 2.33 -24.20
N ILE B 73 -7.39 3.48 -24.89
CA ILE B 73 -7.59 4.84 -24.28
C ILE B 73 -9.08 5.06 -23.94
N TRP B 74 -10.01 4.70 -24.82
CA TRP B 74 -11.46 4.88 -24.54
C TRP B 74 -11.86 4.07 -23.30
N MET B 75 -11.46 2.80 -23.28
CA MET B 75 -11.88 1.82 -22.25
C MET B 75 -11.20 2.16 -20.92
N ALA B 76 -9.92 2.52 -20.93
CA ALA B 76 -9.14 2.91 -19.73
C ALA B 76 -9.74 4.16 -19.06
N ARG B 77 -10.34 5.07 -19.85
CA ARG B 77 -10.92 6.36 -19.38
C ARG B 77 -12.24 6.16 -18.57
N ALA B 78 -12.82 4.96 -18.61
CA ALA B 78 -14.01 4.56 -17.83
C ALA B 78 -13.62 4.10 -16.43
N LEU B 79 -12.35 3.74 -16.22
CA LEU B 79 -11.83 3.22 -14.93
C LEU B 79 -11.87 4.28 -13.82
N PRO B 80 -12.08 3.87 -12.56
CA PRO B 80 -11.81 4.74 -11.41
C PRO B 80 -10.29 4.93 -11.28
N LYS B 81 -9.82 5.83 -10.41
CA LYS B 81 -8.38 6.13 -10.19
C LYS B 81 -7.60 4.82 -9.97
N ASN B 82 -8.14 3.95 -9.12
CA ASN B 82 -7.50 2.70 -8.61
C ASN B 82 -7.62 1.59 -9.65
N GLY B 83 -8.38 1.83 -10.73
CA GLY B 83 -8.72 0.85 -11.77
C GLY B 83 -7.55 0.47 -12.64
N ARG B 84 -7.68 -0.63 -13.36
CA ARG B 84 -6.57 -1.28 -14.10
C ARG B 84 -7.08 -1.85 -15.43
N LEU B 85 -6.27 -1.76 -16.48
CA LEU B 85 -6.54 -2.40 -17.80
C LEU B 85 -5.25 -3.08 -18.28
N ILE B 86 -5.35 -4.36 -18.60
CA ILE B 86 -4.23 -5.20 -19.10
C ILE B 86 -4.53 -5.50 -20.56
N THR B 87 -3.69 -5.04 -21.49
CA THR B 87 -3.85 -5.35 -22.93
C THR B 87 -2.68 -6.22 -23.40
N LEU B 88 -2.96 -7.11 -24.34
CA LEU B 88 -2.00 -8.11 -24.88
C LEU B 88 -1.76 -7.79 -26.35
N GLU B 89 -0.50 -7.83 -26.77
CA GLU B 89 -0.07 -7.38 -28.11
C GLU B 89 1.07 -8.31 -28.56
N TYR B 90 0.93 -8.93 -29.72
CA TYR B 90 1.94 -9.84 -30.32
C TYR B 90 3.17 -9.02 -30.75
N ASP B 91 2.93 -8.01 -31.57
CA ASP B 91 3.96 -7.19 -32.27
C ASP B 91 4.63 -6.25 -31.29
N PRO B 92 5.94 -6.43 -30.99
CA PRO B 92 6.66 -5.54 -30.08
C PRO B 92 6.71 -4.07 -30.54
N LYS B 93 6.65 -3.82 -31.84
CA LYS B 93 6.60 -2.43 -32.38
C LYS B 93 5.24 -1.81 -31.98
N HIS B 94 4.13 -2.57 -32.15
CA HIS B 94 2.76 -2.11 -31.80
C HIS B 94 2.73 -1.71 -30.32
N ALA B 95 3.31 -2.56 -29.46
CA ALA B 95 3.41 -2.35 -28.00
C ALA B 95 4.10 -1.01 -27.70
N ALA B 96 5.30 -0.83 -28.26
CA ALA B 96 6.16 0.36 -28.08
C ALA B 96 5.35 1.61 -28.43
N VAL B 97 4.69 1.59 -29.59
CA VAL B 97 3.84 2.70 -30.11
C VAL B 97 2.67 2.93 -29.12
N ALA B 98 1.95 1.85 -28.77
CA ALA B 98 0.83 1.89 -27.80
C ALA B 98 1.30 2.56 -26.50
N GLN B 99 2.49 2.20 -26.03
CA GLN B 99 3.06 2.69 -24.75
C GLN B 99 3.25 4.21 -24.82
N LYS B 100 3.89 4.70 -25.89
CA LYS B 100 3.99 6.14 -26.20
C LYS B 100 2.58 6.74 -26.11
N ASN B 101 1.58 6.11 -26.72
CA ASN B 101 0.20 6.67 -26.88
C ASN B 101 -0.49 6.72 -25.51
N ILE B 102 -0.43 5.61 -24.77
CA ILE B 102 -0.87 5.52 -23.35
C ILE B 102 -0.22 6.62 -22.54
N ASP B 103 1.09 6.81 -22.66
CA ASP B 103 1.85 7.77 -21.81
C ASP B 103 1.32 9.16 -22.09
N ARG B 104 1.03 9.44 -23.36
CA ARG B 104 0.56 10.76 -23.84
C ARG B 104 -0.79 11.03 -23.21
N ALA B 105 -1.67 10.03 -23.22
CA ALA B 105 -3.01 10.07 -22.60
C ALA B 105 -2.89 10.34 -21.08
N GLY B 106 -1.75 10.00 -20.48
CA GLY B 106 -1.53 10.10 -19.03
C GLY B 106 -2.13 8.91 -18.29
N LEU B 107 -2.35 7.78 -18.97
CA LEU B 107 -2.89 6.54 -18.39
C LEU B 107 -1.76 5.57 -18.03
N THR B 108 -0.54 6.06 -17.79
CA THR B 108 0.66 5.21 -17.55
C THR B 108 0.39 4.27 -16.38
N SER B 109 -0.18 4.79 -15.28
CA SER B 109 -0.30 4.06 -13.98
C SER B 109 -1.45 3.05 -13.98
N GLN B 110 -2.41 3.14 -14.92
CA GLN B 110 -3.61 2.27 -14.99
C GLN B 110 -3.51 1.24 -16.11
N VAL B 111 -2.61 1.39 -17.08
CA VAL B 111 -2.55 0.45 -18.23
C VAL B 111 -1.23 -0.35 -18.18
N GLN B 112 -1.34 -1.62 -18.54
CA GLN B 112 -0.22 -2.58 -18.55
C GLN B 112 -0.32 -3.33 -19.87
N ILE B 113 0.62 -3.06 -20.79
CA ILE B 113 0.73 -3.75 -22.10
C ILE B 113 1.63 -4.95 -21.86
N ARG B 114 1.21 -6.15 -22.26
CA ARG B 114 2.00 -7.39 -22.09
C ARG B 114 2.23 -7.95 -23.50
N THR B 115 3.52 -8.03 -23.86
CA THR B 115 4.00 -8.32 -25.22
C THR B 115 4.14 -9.83 -25.34
N GLY B 116 3.64 -10.40 -26.42
CA GLY B 116 3.60 -11.85 -26.63
C GLY B 116 2.35 -12.23 -27.36
N LYS B 117 2.19 -13.51 -27.68
CA LYS B 117 0.90 -14.10 -28.12
C LYS B 117 -0.07 -14.16 -26.94
N ALA B 118 -1.37 -14.05 -27.22
CA ALA B 118 -2.46 -14.15 -26.24
C ALA B 118 -2.51 -15.56 -25.62
N ILE B 119 -2.56 -16.65 -26.39
CA ILE B 119 -2.65 -18.02 -25.76
C ILE B 119 -1.52 -18.23 -24.71
N ASP B 120 -0.29 -17.74 -24.92
CA ASP B 120 0.83 -17.92 -23.95
C ASP B 120 0.63 -17.06 -22.70
N ILE B 121 -0.01 -15.90 -22.83
CA ILE B 121 -0.16 -14.90 -21.73
C ILE B 121 -1.45 -15.15 -20.93
N LEU B 122 -2.48 -15.72 -21.57
CA LEU B 122 -3.77 -15.94 -20.88
C LEU B 122 -3.52 -16.77 -19.63
N PRO B 123 -2.93 -17.98 -19.72
CA PRO B 123 -2.65 -18.80 -18.54
C PRO B 123 -1.74 -18.16 -17.48
N GLN B 124 -0.91 -17.18 -17.84
CA GLN B 124 -0.04 -16.50 -16.83
C GLN B 124 -0.94 -15.64 -15.92
N LEU B 125 -1.95 -14.97 -16.51
CA LEU B 125 -3.01 -14.20 -15.79
C LEU B 125 -3.85 -15.12 -14.90
N VAL B 126 -4.15 -16.33 -15.39
CA VAL B 126 -4.81 -17.41 -14.59
C VAL B 126 -3.93 -17.66 -13.36
N GLU B 127 -2.73 -18.20 -13.57
CA GLU B 127 -1.78 -18.62 -12.50
C GLU B 127 -1.34 -17.40 -11.66
N GLU B 128 -1.34 -16.18 -12.22
CA GLU B 128 -1.03 -14.97 -11.41
C GLU B 128 -2.28 -14.56 -10.62
N GLY B 129 -3.48 -15.02 -11.04
CA GLY B 129 -4.79 -14.54 -10.54
C GLY B 129 -4.94 -13.03 -10.68
N ALA B 130 -4.60 -12.49 -11.85
CA ALA B 130 -4.81 -11.06 -12.23
C ALA B 130 -6.31 -10.80 -12.43
N GLY B 131 -7.05 -11.85 -12.81
CA GLY B 131 -8.52 -11.85 -12.87
C GLY B 131 -9.16 -11.80 -11.48
N PRO B 132 -10.50 -11.82 -11.40
CA PRO B 132 -11.36 -11.83 -12.60
C PRO B 132 -11.51 -10.42 -13.20
N PHE B 133 -11.82 -10.35 -14.48
CA PHE B 133 -12.01 -9.09 -15.24
C PHE B 133 -13.50 -8.79 -15.38
N ASP B 134 -13.83 -7.52 -15.17
CA ASP B 134 -15.19 -6.92 -15.28
C ASP B 134 -15.64 -6.96 -16.75
N MET B 135 -14.73 -6.69 -17.68
CA MET B 135 -15.00 -6.63 -19.14
C MET B 135 -13.81 -7.20 -19.93
N ILE B 136 -14.06 -8.06 -20.91
CA ILE B 136 -13.01 -8.60 -21.82
C ILE B 136 -13.29 -8.21 -23.27
N PHE B 137 -12.37 -7.48 -23.90
CA PHE B 137 -12.43 -7.11 -25.33
C PHE B 137 -11.45 -7.98 -26.15
N ILE B 138 -12.02 -8.95 -26.88
CA ILE B 138 -11.32 -9.79 -27.90
C ILE B 138 -11.30 -9.07 -29.25
N ASP B 139 -10.16 -8.53 -29.68
CA ASP B 139 -10.02 -7.84 -30.98
C ASP B 139 -8.63 -8.16 -31.54
N ALA B 140 -8.36 -9.44 -31.79
CA ALA B 140 -7.04 -9.94 -32.18
C ALA B 140 -7.21 -10.80 -33.43
N ASP B 141 -6.35 -11.79 -33.63
CA ASP B 141 -6.44 -12.72 -34.79
C ASP B 141 -7.70 -13.55 -34.58
N LYS B 142 -8.39 -13.90 -35.68
CA LYS B 142 -9.76 -14.46 -35.69
C LYS B 142 -9.77 -15.98 -35.54
N PRO B 143 -8.82 -16.78 -36.11
CA PRO B 143 -8.88 -18.23 -35.99
C PRO B 143 -9.01 -18.75 -34.55
N PRO B 144 -8.15 -18.33 -33.59
CA PRO B 144 -8.25 -18.81 -32.22
C PRO B 144 -9.31 -18.16 -31.31
N TYR B 145 -10.42 -17.63 -31.88
CA TYR B 145 -11.46 -16.84 -31.15
C TYR B 145 -12.18 -17.75 -30.15
N THR B 146 -12.59 -18.95 -30.57
CA THR B 146 -13.23 -19.96 -29.68
C THR B 146 -12.30 -20.26 -28.50
N GLU B 147 -10.97 -20.29 -28.70
CA GLU B 147 -9.98 -20.59 -27.63
C GLU B 147 -9.89 -19.38 -26.67
N TYR B 148 -9.83 -18.16 -27.24
CA TYR B 148 -9.69 -16.92 -26.44
C TYR B 148 -10.95 -16.74 -25.59
N PHE B 149 -12.11 -17.26 -26.03
CA PHE B 149 -13.41 -17.16 -25.31
C PHE B 149 -13.39 -18.04 -24.04
N GLN B 150 -12.98 -19.30 -24.24
CA GLN B 150 -12.80 -20.30 -23.16
C GLN B 150 -11.84 -19.74 -22.09
N TRP B 151 -10.67 -19.25 -22.49
CA TRP B 151 -9.74 -18.58 -21.54
C TRP B 151 -10.43 -17.38 -20.88
N ALA B 152 -11.22 -16.61 -21.64
CA ALA B 152 -11.93 -15.42 -21.14
C ALA B 152 -12.94 -15.83 -20.06
N LEU B 153 -13.67 -16.94 -20.26
CA LEU B 153 -14.60 -17.52 -19.26
C LEU B 153 -13.85 -17.85 -17.97
N ARG B 154 -12.66 -18.43 -18.06
CA ARG B 154 -11.82 -18.76 -16.88
C ARG B 154 -11.33 -17.48 -16.17
N LEU B 155 -11.36 -16.30 -16.80
CA LEU B 155 -10.87 -15.03 -16.21
C LEU B 155 -12.08 -14.12 -15.87
N SER B 156 -13.30 -14.70 -15.89
CA SER B 156 -14.58 -14.00 -15.65
C SER B 156 -15.07 -14.15 -14.22
N ARG B 157 -16.08 -13.36 -13.89
CA ARG B 157 -17.02 -13.58 -12.76
C ARG B 157 -18.42 -13.51 -13.32
N PRO B 158 -19.46 -13.97 -12.60
CA PRO B 158 -20.80 -14.00 -13.18
C PRO B 158 -21.15 -12.52 -13.38
N GLY B 159 -21.57 -12.14 -14.59
CA GLY B 159 -21.90 -10.73 -14.94
C GLY B 159 -20.84 -10.08 -15.81
N THR B 160 -19.64 -10.68 -15.92
CA THR B 160 -18.57 -10.28 -16.87
C THR B 160 -19.16 -10.15 -18.28
N LEU B 161 -18.96 -8.99 -18.93
CA LEU B 161 -19.29 -8.77 -20.36
C LEU B 161 -18.04 -9.10 -21.19
N ILE B 162 -18.14 -10.07 -22.09
CA ILE B 162 -17.11 -10.36 -23.12
C ILE B 162 -17.62 -9.77 -24.44
N VAL B 163 -16.78 -8.97 -25.09
CA VAL B 163 -17.04 -8.38 -26.43
C VAL B 163 -16.04 -8.97 -27.43
N ALA B 164 -16.50 -9.31 -28.63
CA ALA B 164 -15.63 -9.84 -29.70
C ALA B 164 -15.87 -9.02 -30.97
N ASP B 165 -14.83 -8.34 -31.46
CA ASP B 165 -14.91 -7.49 -32.67
C ASP B 165 -14.79 -8.35 -33.94
N ASN B 166 -15.48 -7.91 -34.99
CA ASN B 166 -15.21 -8.29 -36.40
C ASN B 166 -15.65 -9.73 -36.65
N VAL B 167 -16.89 -10.07 -36.24
CA VAL B 167 -17.46 -11.44 -36.38
C VAL B 167 -18.47 -11.45 -37.52
N ILE B 168 -18.56 -10.40 -38.33
CA ILE B 168 -19.49 -10.41 -39.49
C ILE B 168 -18.68 -10.40 -40.82
N ARG B 169 -17.47 -9.83 -40.84
CA ARG B 169 -16.55 -9.83 -42.02
C ARG B 169 -17.33 -9.35 -43.25
N ASP B 170 -18.02 -8.22 -43.12
CA ASP B 170 -18.80 -7.60 -44.23
C ASP B 170 -19.73 -8.65 -44.86
N GLY B 171 -20.31 -9.52 -44.05
CA GLY B 171 -21.31 -10.53 -44.48
C GLY B 171 -20.68 -11.78 -45.06
N LYS B 172 -19.34 -11.86 -45.12
CA LYS B 172 -18.64 -13.02 -45.73
C LYS B 172 -18.85 -14.28 -44.86
N VAL B 173 -19.39 -14.16 -43.63
CA VAL B 173 -19.65 -15.32 -42.69
C VAL B 173 -20.97 -16.02 -43.02
N LEU B 174 -21.73 -15.55 -44.03
CA LEU B 174 -22.88 -16.31 -44.58
C LEU B 174 -22.37 -17.40 -45.52
N ASP B 175 -21.07 -17.37 -45.83
CA ASP B 175 -20.34 -18.27 -46.76
C ASP B 175 -19.82 -19.52 -46.00
N GLU B 176 -20.61 -20.59 -46.00
CA GLU B 176 -20.23 -21.93 -45.46
C GLU B 176 -18.78 -22.29 -45.88
N ASN B 177 -18.35 -21.91 -47.10
CA ASN B 177 -17.23 -22.59 -47.80
C ASN B 177 -15.94 -21.76 -47.83
N SER B 178 -15.94 -20.49 -47.43
CA SER B 178 -14.68 -19.69 -47.47
C SER B 178 -13.59 -20.43 -46.71
N THR B 179 -12.40 -20.53 -47.30
CA THR B 179 -11.21 -21.16 -46.67
C THR B 179 -10.50 -20.12 -45.78
N GLU B 180 -10.70 -18.82 -46.06
CA GLU B 180 -10.03 -17.70 -45.34
C GLU B 180 -10.06 -18.01 -43.83
N PRO B 181 -8.88 -18.04 -43.16
CA PRO B 181 -8.82 -18.31 -41.72
C PRO B 181 -9.68 -17.39 -40.84
N ALA B 182 -9.85 -16.12 -41.25
CA ALA B 182 -10.63 -15.09 -40.51
C ALA B 182 -12.12 -15.41 -40.57
N VAL B 183 -12.63 -15.85 -41.73
CA VAL B 183 -14.09 -16.06 -41.92
C VAL B 183 -14.49 -17.33 -41.14
N GLN B 184 -13.73 -18.42 -41.24
CA GLN B 184 -14.06 -19.71 -40.56
C GLN B 184 -13.91 -19.52 -39.04
N GLY B 185 -12.95 -18.70 -38.61
CA GLY B 185 -12.74 -18.33 -37.21
C GLY B 185 -14.00 -17.70 -36.65
N ALA B 186 -14.47 -16.65 -37.31
CA ALA B 186 -15.68 -15.90 -36.90
C ALA B 186 -16.88 -16.84 -37.00
N ARG B 187 -16.90 -17.72 -38.00
CA ARG B 187 -18.05 -18.61 -38.26
C ARG B 187 -18.13 -19.67 -37.15
N ARG B 188 -16.98 -20.12 -36.65
CA ARG B 188 -16.90 -21.12 -35.55
C ARG B 188 -17.16 -20.42 -34.20
N PHE B 189 -16.67 -19.20 -34.00
CA PHE B 189 -16.94 -18.40 -32.79
C PHE B 189 -18.46 -18.14 -32.64
N ASN B 190 -19.15 -17.79 -33.72
CA ASN B 190 -20.60 -17.49 -33.72
C ASN B 190 -21.40 -18.74 -33.36
N ALA B 191 -21.14 -19.87 -34.03
CA ALA B 191 -21.84 -21.14 -33.76
C ALA B 191 -21.61 -21.51 -32.28
N MET B 192 -20.38 -21.37 -31.76
CA MET B 192 -20.02 -21.70 -30.35
C MET B 192 -20.90 -20.87 -29.40
N LEU B 193 -21.13 -19.59 -29.70
CA LEU B 193 -22.01 -18.71 -28.90
C LEU B 193 -23.45 -19.22 -28.96
N GLY B 194 -23.95 -19.61 -30.11
CA GLY B 194 -25.31 -20.17 -30.20
C GLY B 194 -25.47 -21.40 -29.31
N ALA B 195 -24.40 -22.12 -28.99
CA ALA B 195 -24.46 -23.41 -28.26
C ALA B 195 -24.10 -23.22 -26.78
N ASN B 196 -23.56 -22.07 -26.39
CA ASN B 196 -22.92 -21.91 -25.05
C ASN B 196 -24.02 -21.68 -24.00
N THR B 197 -24.06 -22.49 -22.94
CA THR B 197 -25.05 -22.32 -21.82
C THR B 197 -24.42 -21.50 -20.68
N ALA B 198 -23.12 -21.20 -20.73
CA ALA B 198 -22.41 -20.35 -19.73
C ALA B 198 -22.68 -18.86 -19.96
N VAL B 199 -23.17 -18.46 -21.16
CA VAL B 199 -23.44 -17.03 -21.51
C VAL B 199 -24.85 -16.88 -22.08
N ASP B 200 -25.29 -15.62 -22.09
CA ASP B 200 -26.32 -15.03 -22.99
C ASP B 200 -25.66 -14.01 -23.90
N ALA B 201 -25.91 -14.11 -25.21
CA ALA B 201 -25.19 -13.34 -26.24
C ALA B 201 -26.12 -12.91 -27.37
N THR B 202 -25.75 -11.83 -28.04
CA THR B 202 -26.23 -11.42 -29.38
C THR B 202 -25.01 -10.92 -30.16
N ILE B 203 -25.21 -10.61 -31.44
CA ILE B 203 -24.21 -9.92 -32.29
C ILE B 203 -24.90 -8.65 -32.77
N LEU B 204 -24.24 -7.50 -32.65
CA LEU B 204 -24.72 -6.20 -33.22
C LEU B 204 -24.11 -6.01 -34.61
N GLN B 205 -24.97 -5.78 -35.61
CA GLN B 205 -24.57 -5.29 -36.94
C GLN B 205 -24.18 -3.82 -36.80
N MET B 206 -23.03 -3.47 -37.36
CA MET B 206 -22.38 -2.15 -37.25
C MET B 206 -22.02 -1.63 -38.64
N VAL B 207 -22.52 -0.44 -38.95
CA VAL B 207 -22.26 0.34 -40.20
C VAL B 207 -21.82 1.74 -39.79
N GLY B 208 -20.95 2.39 -40.55
CA GLY B 208 -20.37 3.68 -40.17
C GLY B 208 -19.22 4.06 -41.07
N VAL B 209 -18.25 4.78 -40.56
CA VAL B 209 -17.04 5.22 -41.32
C VAL B 209 -16.16 3.98 -41.60
N LYS B 210 -16.29 2.91 -40.81
CA LYS B 210 -15.55 1.63 -41.04
C LYS B 210 -16.41 0.70 -41.90
N GLU B 211 -15.75 -0.27 -42.53
CA GLU B 211 -16.43 -1.26 -43.41
C GLU B 211 -17.45 -2.02 -42.55
N TYR B 212 -18.66 -2.23 -43.08
CA TYR B 212 -19.72 -3.07 -42.47
C TYR B 212 -19.07 -4.26 -41.75
N ASP B 213 -19.28 -4.40 -40.44
CA ASP B 213 -18.86 -5.60 -39.67
C ASP B 213 -19.82 -5.82 -38.50
N GLY B 214 -19.38 -6.51 -37.44
CA GLY B 214 -20.22 -6.88 -36.29
C GLY B 214 -19.41 -7.12 -35.02
N MET B 215 -20.05 -6.86 -33.89
CA MET B 215 -19.52 -7.06 -32.51
C MET B 215 -20.42 -8.06 -31.77
N ALA B 216 -19.88 -9.18 -31.29
CA ALA B 216 -20.57 -10.10 -30.35
C ALA B 216 -20.50 -9.49 -28.96
N LEU B 217 -21.59 -9.54 -28.19
CA LEU B 217 -21.67 -9.27 -26.72
C LEU B 217 -22.18 -10.53 -26.01
N ALA B 218 -21.48 -10.95 -24.94
CA ALA B 218 -21.84 -12.10 -24.09
C ALA B 218 -21.79 -11.72 -22.61
N ILE B 219 -22.82 -12.03 -21.82
CA ILE B 219 -22.79 -11.93 -20.32
C ILE B 219 -22.67 -13.34 -19.77
N VAL B 220 -21.67 -13.51 -18.89
CA VAL B 220 -21.38 -14.77 -18.14
C VAL B 220 -22.52 -14.95 -17.13
N LYS B 221 -23.19 -16.12 -17.13
CA LYS B 221 -24.37 -16.37 -16.25
C LYS B 221 -23.91 -16.68 -14.83
N ASN C 3 24.61 1.79 25.98
CA ASN C 3 25.55 2.73 25.27
C ASN C 3 24.98 4.15 25.38
N GLN C 4 25.89 5.10 25.48
CA GLN C 4 25.61 6.55 25.54
C GLN C 4 25.14 7.03 24.15
N ILE C 5 25.53 6.35 23.08
CA ILE C 5 25.09 6.71 21.69
C ILE C 5 23.54 6.77 21.64
N PHE C 6 22.85 5.77 22.19
CA PHE C 6 21.36 5.72 22.22
C PHE C 6 20.79 6.93 22.96
N GLU C 7 21.31 7.20 24.16
CA GLU C 7 20.88 8.31 25.06
C GLU C 7 21.00 9.63 24.30
N SER C 8 22.16 9.89 23.70
CA SER C 8 22.50 11.09 22.91
C SER C 8 21.55 11.24 21.70
N VAL C 9 21.34 10.13 20.99
CA VAL C 9 20.47 10.09 19.79
C VAL C 9 19.02 10.34 20.23
N ASP C 10 18.60 9.81 21.37
CA ASP C 10 17.23 10.09 21.92
C ASP C 10 17.11 11.59 22.17
N HIS C 11 18.08 12.19 22.85
CA HIS C 11 18.13 13.64 23.15
C HIS C 11 18.07 14.43 21.84
N TYR C 12 18.81 14.02 20.81
CA TYR C 12 18.82 14.69 19.48
C TYR C 12 17.39 14.71 18.95
N ILE C 13 16.76 13.54 18.96
CA ILE C 13 15.41 13.34 18.39
C ILE C 13 14.40 14.18 19.18
N SER C 14 14.44 14.17 20.52
CA SER C 14 13.43 14.87 21.36
C SER C 14 13.65 16.39 21.33
N ASP C 15 14.87 16.85 21.09
CA ASP C 15 15.19 18.29 20.82
C ASP C 15 14.42 18.79 19.61
N LEU C 16 14.30 17.94 18.60
CA LEU C 16 13.80 18.26 17.24
C LEU C 16 12.31 17.97 17.19
N LEU C 17 11.84 16.91 17.85
CA LEU C 17 10.49 16.35 17.59
C LEU C 17 9.79 15.83 18.85
N GLY C 18 10.34 16.04 20.06
CA GLY C 18 9.80 15.42 21.29
C GLY C 18 9.56 16.44 22.38
N TYR C 19 9.11 17.63 21.98
CA TYR C 19 8.87 18.78 22.89
C TYR C 19 7.78 18.42 23.89
N GLU C 20 8.04 18.65 25.17
CA GLU C 20 7.05 18.40 26.27
C GLU C 20 6.63 19.75 26.85
N ASP C 21 5.33 19.98 26.93
CA ASP C 21 4.74 21.22 27.52
C ASP C 21 4.52 21.02 29.03
N ASP C 22 3.97 22.04 29.70
CA ASP C 22 3.78 22.09 31.18
C ASP C 22 3.12 20.77 31.64
N ALA C 23 1.99 20.41 31.03
CA ALA C 23 1.12 19.28 31.40
C ALA C 23 1.86 17.94 31.39
N LEU C 24 2.86 17.79 30.52
CA LEU C 24 3.71 16.56 30.40
C LEU C 24 4.83 16.59 31.44
N LEU C 25 5.49 17.72 31.65
CA LEU C 25 6.58 17.77 32.65
C LEU C 25 5.93 17.71 34.04
N ALA C 26 4.74 18.30 34.23
CA ALA C 26 3.97 18.23 35.49
C ALA C 26 3.62 16.77 35.79
N ALA C 27 3.07 16.07 34.80
CA ALA C 27 2.76 14.62 34.86
C ALA C 27 4.03 13.82 35.22
N THR C 28 5.22 14.18 34.69
CA THR C 28 6.48 13.47 35.06
C THR C 28 6.73 13.70 36.56
N ASN C 29 6.75 14.97 36.97
CA ASN C 29 7.10 15.41 38.34
C ASN C 29 6.14 14.78 39.35
N SER C 30 4.84 14.78 39.02
CA SER C 30 3.74 14.19 39.85
C SER C 30 4.11 12.76 40.27
N LEU C 31 5.04 12.09 39.57
CA LEU C 31 5.63 10.82 40.08
C LEU C 31 6.25 11.06 41.45
N ALA C 32 7.24 11.96 41.55
CA ALA C 32 8.03 12.18 42.78
C ALA C 32 7.10 12.60 43.92
N GLU C 33 6.17 13.52 43.63
CA GLU C 33 5.22 14.16 44.58
C GLU C 33 4.14 13.18 45.08
N ALA C 34 3.93 12.03 44.44
CA ALA C 34 3.00 10.97 44.91
C ALA C 34 3.75 9.64 45.09
N GLY C 35 5.08 9.64 44.91
CA GLY C 35 5.97 8.51 45.23
C GLY C 35 5.61 7.25 44.47
N MET C 36 5.46 7.36 43.14
CA MET C 36 5.14 6.25 42.21
C MET C 36 6.38 5.97 41.37
N PRO C 37 6.50 4.79 40.73
CA PRO C 37 7.73 4.40 40.03
C PRO C 37 8.02 5.15 38.71
N ALA C 38 9.31 5.22 38.33
CA ALA C 38 9.82 6.00 37.16
C ALA C 38 9.68 5.18 35.87
N ILE C 39 8.46 4.70 35.58
CA ILE C 39 8.14 3.97 34.32
C ILE C 39 7.70 5.04 33.31
N SER C 40 6.50 4.94 32.76
CA SER C 40 5.96 5.84 31.72
C SER C 40 6.85 5.81 30.48
N VAL C 41 6.26 6.02 29.32
CA VAL C 41 7.01 6.11 28.03
C VAL C 41 7.95 7.31 28.06
N SER C 42 8.99 7.31 27.23
CA SER C 42 9.85 8.48 26.90
C SER C 42 9.03 9.51 26.11
N PRO C 43 9.48 10.77 26.04
CA PRO C 43 8.85 11.77 25.18
C PRO C 43 8.70 11.23 23.75
N ASN C 44 9.75 10.58 23.24
CA ASN C 44 9.84 10.10 21.85
C ASN C 44 8.83 8.96 21.64
N GLN C 45 8.67 8.07 22.60
CA GLN C 45 7.59 7.04 22.50
C GLN C 45 6.24 7.74 22.58
N GLY C 46 6.10 8.74 23.45
CA GLY C 46 4.91 9.59 23.55
C GLY C 46 4.51 10.10 22.18
N LYS C 47 5.45 10.72 21.48
CA LYS C 47 5.19 11.29 20.13
C LYS C 47 4.84 10.18 19.16
N PHE C 48 5.52 9.04 19.23
CA PHE C 48 5.25 7.90 18.30
C PHE C 48 3.79 7.45 18.46
N LEU C 49 3.32 7.30 19.72
CA LEU C 49 1.94 6.87 20.10
C LEU C 49 0.90 7.89 19.61
N GLN C 50 1.21 9.19 19.72
CA GLN C 50 0.37 10.31 19.20
C GLN C 50 0.18 10.17 17.69
N LEU C 51 1.26 9.98 16.95
CA LEU C 51 1.24 9.75 15.48
C LEU C 51 0.41 8.50 15.13
N LEU C 52 0.59 7.40 15.85
CA LEU C 52 -0.20 6.16 15.61
C LEU C 52 -1.68 6.45 15.80
N ALA C 53 -2.04 7.23 16.82
CA ALA C 53 -3.45 7.57 17.07
C ALA C 53 -4.01 8.34 15.87
N GLN C 54 -3.24 9.25 15.26
CA GLN C 54 -3.73 10.08 14.11
C GLN C 54 -3.84 9.24 12.82
N LEU C 55 -2.87 8.36 12.57
CA LEU C 55 -2.96 7.30 11.52
C LEU C 55 -4.26 6.50 11.65
N CYS C 56 -4.66 6.12 12.87
CA CYS C 56 -5.93 5.38 13.16
C CYS C 56 -7.15 6.30 13.13
N GLN C 57 -6.94 7.60 12.96
CA GLN C 57 -8.01 8.64 12.86
C GLN C 57 -8.83 8.59 14.14
N ALA C 58 -8.13 8.36 15.25
CA ALA C 58 -8.70 8.05 16.58
C ALA C 58 -9.71 9.14 16.99
N LYS C 59 -10.93 8.71 17.37
CA LYS C 59 -11.95 9.50 18.11
C LYS C 59 -12.21 8.82 19.47
N ASN C 60 -12.02 7.50 19.58
CA ASN C 60 -12.13 6.75 20.86
C ASN C 60 -10.90 5.84 21.05
N ILE C 61 -10.18 6.07 22.13
CA ILE C 61 -8.91 5.36 22.48
C ILE C 61 -9.12 4.68 23.84
N LEU C 62 -8.64 3.44 23.95
CA LEU C 62 -8.57 2.69 25.21
C LEU C 62 -7.10 2.55 25.64
N GLU C 63 -6.81 2.68 26.94
CA GLU C 63 -5.45 2.51 27.52
C GLU C 63 -5.51 1.67 28.81
N LEU C 64 -4.65 0.66 28.93
CA LEU C 64 -4.43 -0.09 30.20
C LEU C 64 -3.16 0.40 30.90
N GLY C 65 -3.27 0.78 32.17
CA GLY C 65 -2.15 1.24 32.98
C GLY C 65 -2.00 2.73 32.79
N THR C 66 -2.63 3.53 33.66
CA THR C 66 -2.63 5.01 33.58
C THR C 66 -1.32 5.55 34.18
N LEU C 67 -0.91 5.00 35.32
CA LEU C 67 0.16 5.57 36.16
C LEU C 67 -0.19 7.06 36.39
N ALA C 68 0.58 8.01 35.83
CA ALA C 68 0.39 9.45 36.08
C ALA C 68 -0.22 10.16 34.86
N GLY C 69 -0.55 9.43 33.79
CA GLY C 69 -1.27 9.98 32.62
C GLY C 69 -0.37 10.60 31.56
N TYR C 70 0.95 10.47 31.70
CA TYR C 70 1.97 10.89 30.69
C TYR C 70 1.60 10.34 29.30
N SER C 71 1.47 9.03 29.16
CA SER C 71 1.13 8.44 27.83
C SER C 71 -0.30 8.87 27.46
N THR C 72 -1.17 9.02 28.44
CA THR C 72 -2.58 9.41 28.24
C THR C 72 -2.63 10.82 27.61
N ILE C 73 -1.87 11.78 28.15
CA ILE C 73 -1.94 13.19 27.63
C ILE C 73 -1.45 13.20 26.17
N TRP C 74 -0.40 12.43 25.84
CA TRP C 74 0.23 12.41 24.48
C TRP C 74 -0.84 12.00 23.48
N MET C 75 -1.42 10.83 23.71
CA MET C 75 -2.44 10.21 22.84
C MET C 75 -3.71 11.07 22.84
N ALA C 76 -4.15 11.54 24.02
CA ALA C 76 -5.34 12.40 24.19
C ALA C 76 -5.27 13.56 23.20
N ARG C 77 -4.06 14.14 23.05
CA ARG C 77 -3.83 15.33 22.19
C ARG C 77 -3.90 15.00 20.70
N ALA C 78 -4.03 13.72 20.33
CA ALA C 78 -4.29 13.29 18.94
C ALA C 78 -5.79 13.42 18.64
N LEU C 79 -6.63 13.47 19.66
CA LEU C 79 -8.12 13.39 19.50
C LEU C 79 -8.67 14.71 19.00
N PRO C 80 -9.81 14.70 18.27
CA PRO C 80 -10.57 15.92 18.03
C PRO C 80 -11.07 16.53 19.35
N LYS C 81 -11.84 17.62 19.28
CA LYS C 81 -12.55 18.15 20.48
C LYS C 81 -13.60 17.11 20.90
N ASN C 82 -14.14 16.40 19.91
CA ASN C 82 -15.31 15.49 20.05
C ASN C 82 -14.86 14.04 20.29
N GLY C 83 -13.63 13.84 20.76
CA GLY C 83 -13.04 12.50 20.93
C GLY C 83 -12.93 12.10 22.39
N ARG C 84 -12.85 10.80 22.67
CA ARG C 84 -12.83 10.25 24.06
C ARG C 84 -11.64 9.30 24.23
N LEU C 85 -11.11 9.23 25.45
CA LEU C 85 -10.07 8.25 25.86
C LEU C 85 -10.40 7.73 27.26
N ILE C 86 -10.65 6.44 27.36
CA ILE C 86 -10.83 5.70 28.64
C ILE C 86 -9.48 5.09 29.02
N THR C 87 -9.03 5.25 30.25
CA THR C 87 -7.80 4.58 30.78
C THR C 87 -8.15 3.86 32.09
N LEU C 88 -7.57 2.67 32.30
CA LEU C 88 -7.85 1.76 33.43
C LEU C 88 -6.60 1.67 34.30
N GLU C 89 -6.77 1.91 35.59
CA GLU C 89 -5.69 2.00 36.60
C GLU C 89 -6.07 1.12 37.79
N TYR C 90 -5.18 0.23 38.20
CA TYR C 90 -5.37 -0.67 39.35
C TYR C 90 -5.45 0.15 40.65
N ASP C 91 -4.42 0.97 40.85
CA ASP C 91 -4.09 1.61 42.14
C ASP C 91 -4.81 2.96 42.27
N PRO C 92 -5.63 3.16 43.34
CA PRO C 92 -6.42 4.39 43.52
C PRO C 92 -5.62 5.69 43.60
N LYS C 93 -4.42 5.63 44.19
CA LYS C 93 -3.47 6.75 44.30
C LYS C 93 -3.13 7.24 42.88
N HIS C 94 -2.57 6.34 42.06
CA HIS C 94 -2.24 6.57 40.62
C HIS C 94 -3.40 7.28 39.92
N ALA C 95 -4.60 6.70 39.98
CA ALA C 95 -5.83 7.17 39.29
C ALA C 95 -6.25 8.58 39.73
N ALA C 96 -6.08 8.94 41.01
CA ALA C 96 -6.38 10.27 41.56
C ALA C 96 -5.33 11.27 41.03
N VAL C 97 -4.05 10.95 41.15
CA VAL C 97 -2.92 11.77 40.60
C VAL C 97 -3.17 12.06 39.10
N ALA C 98 -3.39 11.01 38.32
CA ALA C 98 -3.68 11.08 36.88
C ALA C 98 -4.77 12.13 36.62
N GLN C 99 -5.86 12.10 37.40
CA GLN C 99 -7.03 13.02 37.21
C GLN C 99 -6.58 14.47 37.37
N LYS C 100 -5.63 14.76 38.27
CA LYS C 100 -5.07 16.13 38.46
C LYS C 100 -4.37 16.55 37.16
N ASN C 101 -3.31 15.81 36.81
CA ASN C 101 -2.38 16.04 35.67
C ASN C 101 -3.14 16.07 34.35
N ILE C 102 -4.28 15.40 34.28
CA ILE C 102 -5.15 15.37 33.08
C ILE C 102 -6.05 16.60 33.12
N ASP C 103 -6.63 16.92 34.29
CA ASP C 103 -7.43 18.15 34.50
C ASP C 103 -6.56 19.38 34.16
N ARG C 104 -5.32 19.40 34.64
CA ARG C 104 -4.32 20.47 34.34
C ARG C 104 -4.14 20.63 32.82
N ALA C 105 -4.17 19.54 32.05
CA ALA C 105 -3.90 19.54 30.59
C ALA C 105 -5.14 20.02 29.83
N GLY C 106 -6.28 20.17 30.54
CA GLY C 106 -7.58 20.59 29.99
C GLY C 106 -8.30 19.46 29.28
N LEU C 107 -8.03 18.21 29.65
CA LEU C 107 -8.51 17.00 28.94
C LEU C 107 -9.65 16.34 29.73
N THR C 108 -10.11 17.02 30.78
CA THR C 108 -11.14 16.54 31.75
C THR C 108 -12.33 15.88 31.03
N SER C 109 -12.84 16.47 29.95
CA SER C 109 -14.10 16.02 29.28
C SER C 109 -13.79 15.09 28.09
N GLN C 110 -12.52 14.88 27.74
CA GLN C 110 -12.11 13.95 26.65
C GLN C 110 -11.56 12.64 27.23
N VAL C 111 -11.14 12.59 28.50
CA VAL C 111 -10.57 11.34 29.11
C VAL C 111 -11.30 10.97 30.40
N GLN C 112 -11.81 9.74 30.47
CA GLN C 112 -12.40 9.11 31.67
C GLN C 112 -11.37 8.15 32.25
N ILE C 113 -10.96 8.35 33.50
CA ILE C 113 -10.16 7.37 34.31
C ILE C 113 -11.13 6.42 35.05
N ARG C 114 -10.76 5.15 35.20
CA ARG C 114 -11.57 4.13 35.91
C ARG C 114 -10.65 3.32 36.80
N THR C 115 -10.81 3.42 38.13
CA THR C 115 -10.04 2.60 39.09
C THR C 115 -10.59 1.16 39.05
N GLY C 116 -9.72 0.15 39.06
CA GLY C 116 -10.11 -1.27 39.05
C GLY C 116 -9.04 -2.13 38.42
N LYS C 117 -9.11 -3.44 38.62
CA LYS C 117 -8.33 -4.43 37.81
C LYS C 117 -8.86 -4.36 36.36
N ALA C 118 -7.96 -4.35 35.38
CA ALA C 118 -8.31 -4.29 33.95
C ALA C 118 -9.19 -5.50 33.62
N ILE C 119 -8.84 -6.70 34.12
CA ILE C 119 -9.59 -7.98 33.89
C ILE C 119 -11.10 -7.83 34.25
N ASP C 120 -11.49 -6.91 35.15
CA ASP C 120 -12.91 -6.67 35.55
C ASP C 120 -13.56 -5.56 34.72
N ILE C 121 -12.82 -4.50 34.42
CA ILE C 121 -13.41 -3.33 33.71
C ILE C 121 -13.64 -3.71 32.24
N LEU C 122 -12.65 -4.36 31.63
CA LEU C 122 -12.68 -4.67 30.18
C LEU C 122 -14.02 -5.32 29.81
N PRO C 123 -14.51 -6.30 30.59
CA PRO C 123 -15.87 -6.82 30.39
C PRO C 123 -16.96 -5.74 30.54
N GLN C 124 -16.94 -4.96 31.64
CA GLN C 124 -17.93 -3.87 31.84
C GLN C 124 -17.99 -3.00 30.58
N LEU C 125 -16.85 -2.69 29.94
CA LEU C 125 -16.79 -1.88 28.69
C LEU C 125 -17.44 -2.61 27.51
N VAL C 126 -17.20 -3.91 27.33
CA VAL C 126 -17.96 -4.71 26.33
C VAL C 126 -19.43 -4.54 26.66
N GLU C 127 -19.82 -4.83 27.91
CA GLU C 127 -21.22 -4.85 28.43
C GLU C 127 -21.88 -3.47 28.26
N GLU C 128 -21.15 -2.37 28.46
CA GLU C 128 -21.67 -0.97 28.31
C GLU C 128 -21.66 -0.52 26.84
N GLY C 129 -21.10 -1.32 25.93
CA GLY C 129 -21.01 -0.99 24.50
C GLY C 129 -20.10 0.21 24.22
N ALA C 130 -19.05 0.42 25.03
CA ALA C 130 -18.05 1.51 24.87
C ALA C 130 -17.20 1.30 23.60
N GLY C 131 -17.23 0.12 22.99
CA GLY C 131 -16.48 -0.16 21.76
C GLY C 131 -17.19 0.41 20.54
N PRO C 132 -16.64 0.26 19.31
CA PRO C 132 -15.25 -0.15 19.12
C PRO C 132 -14.25 0.98 19.34
N PHE C 133 -12.98 0.65 19.62
CA PHE C 133 -11.87 1.64 19.81
C PHE C 133 -10.96 1.68 18.58
N ASP C 134 -10.53 2.89 18.24
CA ASP C 134 -9.63 3.21 17.08
C ASP C 134 -8.23 2.68 17.40
N MET C 135 -7.82 2.79 18.67
CA MET C 135 -6.48 2.37 19.12
C MET C 135 -6.55 1.94 20.59
N ILE C 136 -5.89 0.83 20.91
CA ILE C 136 -5.81 0.31 22.29
C ILE C 136 -4.34 0.26 22.66
N PHE C 137 -3.98 0.84 23.80
CA PHE C 137 -2.60 0.86 24.35
C PHE C 137 -2.57 0.04 25.64
N ILE C 138 -1.91 -1.11 25.58
CA ILE C 138 -1.77 -2.07 26.71
C ILE C 138 -0.41 -1.83 27.38
N ASP C 139 -0.40 -1.45 28.65
CA ASP C 139 0.87 -1.25 29.39
C ASP C 139 0.64 -1.48 30.88
N ALA C 140 0.03 -2.60 31.26
CA ALA C 140 -0.27 -2.95 32.66
C ALA C 140 0.55 -4.20 33.04
N ASP C 141 0.07 -5.04 33.95
CA ASP C 141 0.78 -6.25 34.43
C ASP C 141 1.01 -7.18 33.23
N LYS C 142 2.16 -7.84 33.14
CA LYS C 142 2.59 -8.62 31.96
C LYS C 142 1.97 -10.01 31.92
N PRO C 143 1.73 -10.69 33.07
CA PRO C 143 1.15 -12.04 33.02
C PRO C 143 -0.21 -12.13 32.29
N PRO C 144 -1.20 -11.24 32.57
CA PRO C 144 -2.47 -11.27 31.84
C PRO C 144 -2.49 -10.74 30.40
N TYR C 145 -1.34 -10.45 29.78
CA TYR C 145 -1.26 -9.80 28.45
C TYR C 145 -2.14 -10.55 27.42
N THR C 146 -2.10 -11.89 27.31
CA THR C 146 -2.91 -12.62 26.29
C THR C 146 -4.39 -12.46 26.60
N GLU C 147 -4.77 -12.37 27.89
CA GLU C 147 -6.19 -12.12 28.31
C GLU C 147 -6.60 -10.73 27.84
N TYR C 148 -5.78 -9.71 28.14
CA TYR C 148 -6.04 -8.29 27.78
C TYR C 148 -6.22 -8.15 26.27
N PHE C 149 -5.45 -8.92 25.51
CA PHE C 149 -5.46 -8.89 24.02
C PHE C 149 -6.80 -9.42 23.51
N GLN C 150 -7.20 -10.62 23.95
CA GLN C 150 -8.52 -11.25 23.58
C GLN C 150 -9.64 -10.21 23.80
N TRP C 151 -9.71 -9.62 25.00
CA TRP C 151 -10.68 -8.53 25.33
C TRP C 151 -10.53 -7.36 24.35
N ALA C 152 -9.30 -6.97 24.05
CA ALA C 152 -9.07 -5.85 23.12
C ALA C 152 -9.70 -6.18 21.75
N LEU C 153 -9.57 -7.41 21.28
CA LEU C 153 -10.18 -7.86 20.00
C LEU C 153 -11.69 -7.65 20.05
N ARG C 154 -12.33 -8.02 21.18
CA ARG C 154 -13.77 -7.76 21.42
C ARG C 154 -14.05 -6.24 21.32
N LEU C 155 -13.15 -5.39 21.78
CA LEU C 155 -13.42 -3.93 21.83
C LEU C 155 -12.94 -3.24 20.55
N SER C 156 -12.66 -4.00 19.48
CA SER C 156 -12.05 -3.51 18.23
C SER C 156 -13.04 -3.47 17.07
N ARG C 157 -12.65 -2.77 16.01
CA ARG C 157 -13.25 -2.81 14.67
C ARG C 157 -12.12 -3.19 13.70
N PRO C 158 -12.43 -3.55 12.43
CA PRO C 158 -11.38 -3.80 11.45
C PRO C 158 -10.50 -2.56 11.25
N GLY C 159 -9.17 -2.73 11.34
CA GLY C 159 -8.20 -1.63 11.18
C GLY C 159 -7.85 -0.97 12.50
N THR C 160 -8.31 -1.53 13.63
CA THR C 160 -7.93 -1.09 15.00
C THR C 160 -6.44 -1.36 15.20
N LEU C 161 -5.71 -0.41 15.76
CA LEU C 161 -4.32 -0.63 16.19
C LEU C 161 -4.36 -1.01 17.66
N ILE C 162 -3.89 -2.20 18.00
CA ILE C 162 -3.54 -2.64 19.38
C ILE C 162 -2.02 -2.46 19.53
N VAL C 163 -1.59 -1.86 20.63
CA VAL C 163 -0.15 -1.63 20.97
C VAL C 163 0.06 -2.18 22.36
N ALA C 164 0.92 -3.19 22.49
CA ALA C 164 1.35 -3.84 23.75
C ALA C 164 2.81 -3.51 24.01
N ASP C 165 3.10 -2.76 25.07
CA ASP C 165 4.47 -2.29 25.36
C ASP C 165 5.19 -3.28 26.29
N ASN C 166 6.52 -3.33 26.22
CA ASN C 166 7.40 -4.07 27.18
C ASN C 166 7.19 -5.57 27.05
N VAL C 167 7.20 -6.08 25.82
CA VAL C 167 6.95 -7.52 25.51
C VAL C 167 8.29 -8.23 25.28
N ILE C 168 9.42 -7.54 25.49
CA ILE C 168 10.81 -8.07 25.29
C ILE C 168 11.55 -8.19 26.63
N ARG C 169 11.28 -7.30 27.58
CA ARG C 169 11.82 -7.37 28.97
C ARG C 169 13.34 -7.38 28.98
N ASP C 170 13.99 -6.43 28.30
CA ASP C 170 15.48 -6.35 28.21
C ASP C 170 16.08 -7.61 27.57
N GLY C 171 15.28 -8.46 26.91
CA GLY C 171 15.81 -9.60 26.12
C GLY C 171 15.72 -10.92 26.87
N LYS C 172 15.12 -10.91 28.06
CA LYS C 172 14.90 -12.10 28.92
C LYS C 172 13.85 -13.05 28.33
N VAL C 173 13.04 -12.59 27.37
CA VAL C 173 12.07 -13.46 26.63
C VAL C 173 12.84 -14.54 25.84
N LEU C 174 14.17 -14.44 25.73
CA LEU C 174 15.01 -15.48 25.07
C LEU C 174 15.28 -16.60 26.06
N ASP C 175 14.95 -16.40 27.34
CA ASP C 175 15.12 -17.40 28.44
C ASP C 175 13.80 -18.17 28.62
N GLU C 176 13.66 -19.33 27.97
CA GLU C 176 12.48 -20.22 28.14
C GLU C 176 12.47 -20.82 29.55
N ASN C 177 13.60 -20.87 30.25
CA ASN C 177 13.71 -21.34 31.65
C ASN C 177 13.39 -20.24 32.66
N SER C 178 13.19 -19.00 32.22
CA SER C 178 12.89 -17.90 33.18
C SER C 178 11.72 -18.35 34.04
N THR C 179 11.86 -18.22 35.35
CA THR C 179 10.77 -18.43 36.33
C THR C 179 10.16 -17.08 36.73
N GLU C 180 10.46 -15.98 36.04
CA GLU C 180 9.77 -14.68 36.25
C GLU C 180 8.40 -14.73 35.58
N PRO C 181 7.32 -14.36 36.32
CA PRO C 181 5.99 -14.24 35.75
C PRO C 181 5.88 -13.23 34.59
N ALA C 182 6.56 -12.08 34.65
CA ALA C 182 6.42 -11.01 33.62
C ALA C 182 7.08 -11.50 32.33
N VAL C 183 8.20 -12.20 32.48
CA VAL C 183 8.94 -12.80 31.34
C VAL C 183 8.05 -13.88 30.72
N GLN C 184 7.51 -14.81 31.52
CA GLN C 184 6.71 -15.95 30.98
C GLN C 184 5.41 -15.38 30.37
N GLY C 185 4.84 -14.35 30.99
CA GLY C 185 3.67 -13.60 30.47
C GLY C 185 3.94 -12.99 29.11
N ALA C 186 5.11 -12.35 28.92
CA ALA C 186 5.50 -11.70 27.65
C ALA C 186 5.80 -12.78 26.61
N ARG C 187 6.41 -13.89 27.00
CA ARG C 187 6.73 -14.96 26.04
C ARG C 187 5.42 -15.51 25.48
N ARG C 188 4.44 -15.77 26.35
CA ARG C 188 3.13 -16.37 26.01
C ARG C 188 2.41 -15.42 25.06
N PHE C 189 2.33 -14.14 25.41
CA PHE C 189 1.77 -13.09 24.54
C PHE C 189 2.46 -13.10 23.16
N ASN C 190 3.78 -13.27 23.12
CA ASN C 190 4.56 -13.15 21.86
C ASN C 190 4.25 -14.35 20.96
N ALA C 191 4.19 -15.56 21.53
CA ALA C 191 3.82 -16.81 20.84
C ALA C 191 2.38 -16.65 20.32
N MET C 192 1.52 -16.00 21.11
CA MET C 192 0.07 -15.83 20.78
C MET C 192 -0.07 -14.91 19.56
N LEU C 193 0.57 -13.73 19.56
CA LEU C 193 0.72 -12.89 18.34
C LEU C 193 1.25 -13.74 17.20
N GLY C 194 2.26 -14.53 17.49
CA GLY C 194 2.85 -15.42 16.47
C GLY C 194 1.81 -16.23 15.75
N ALA C 195 0.75 -16.67 16.45
CA ALA C 195 -0.22 -17.70 15.98
C ALA C 195 -1.57 -17.07 15.62
N ASN C 196 -1.79 -15.80 15.91
CA ASN C 196 -3.12 -15.16 15.81
C ASN C 196 -3.39 -14.79 14.36
N THR C 197 -4.48 -15.31 13.77
CA THR C 197 -4.89 -15.01 12.38
C THR C 197 -5.81 -13.79 12.36
N ALA C 198 -6.28 -13.33 13.51
CA ALA C 198 -7.19 -12.15 13.59
C ALA C 198 -6.42 -10.82 13.43
N VAL C 199 -5.08 -10.85 13.35
CA VAL C 199 -4.22 -9.62 13.22
C VAL C 199 -2.97 -9.92 12.38
N ASP C 200 -2.36 -8.84 11.88
CA ASP C 200 -0.96 -8.76 11.37
C ASP C 200 -0.16 -7.95 12.39
N ALA C 201 1.00 -8.41 12.81
CA ALA C 201 1.71 -7.78 13.95
C ALA C 201 3.22 -7.87 13.73
N THR C 202 3.93 -6.97 14.41
CA THR C 202 5.40 -7.03 14.52
C THR C 202 5.78 -6.69 15.95
N ILE C 203 7.05 -6.82 16.30
CA ILE C 203 7.55 -6.24 17.57
C ILE C 203 8.72 -5.34 17.17
N LEU C 204 8.65 -4.06 17.55
CA LEU C 204 9.74 -3.08 17.39
C LEU C 204 10.70 -3.19 18.57
N GLN C 205 12.00 -3.25 18.29
CA GLN C 205 13.03 -3.12 19.35
C GLN C 205 13.24 -1.62 19.55
N MET C 206 13.11 -1.15 20.78
CA MET C 206 13.25 0.28 21.13
C MET C 206 14.41 0.50 22.10
N VAL C 207 15.21 1.53 21.83
CA VAL C 207 16.36 1.97 22.65
C VAL C 207 16.30 3.49 22.83
N GLY C 208 17.00 4.00 23.84
CA GLY C 208 17.05 5.44 24.15
C GLY C 208 17.36 5.65 25.60
N VAL C 209 16.63 6.57 26.24
CA VAL C 209 16.82 6.96 27.68
C VAL C 209 16.22 5.90 28.60
N LYS C 210 15.03 5.36 28.27
CA LYS C 210 14.42 4.21 28.99
C LYS C 210 15.21 2.96 28.66
N GLU C 211 15.16 1.99 29.58
CA GLU C 211 15.68 0.61 29.45
C GLU C 211 15.20 -0.01 28.12
N TYR C 212 16.12 -0.62 27.36
CA TYR C 212 15.87 -1.48 26.17
C TYR C 212 14.57 -2.28 26.37
N ASP C 213 13.57 -2.00 25.55
CA ASP C 213 12.26 -2.70 25.59
C ASP C 213 11.84 -3.00 24.15
N GLY C 214 10.67 -3.61 24.03
CA GLY C 214 10.03 -3.96 22.75
C GLY C 214 8.57 -3.60 22.83
N MET C 215 8.00 -3.22 21.69
CA MET C 215 6.60 -2.73 21.57
C MET C 215 5.91 -3.53 20.47
N ALA C 216 4.85 -4.25 20.81
CA ALA C 216 4.09 -5.03 19.81
C ALA C 216 3.08 -4.10 19.12
N LEU C 217 2.89 -4.29 17.82
CA LEU C 217 1.94 -3.55 16.97
C LEU C 217 1.12 -4.57 16.18
N ALA C 218 -0.20 -4.54 16.36
CA ALA C 218 -1.14 -5.43 15.67
C ALA C 218 -2.28 -4.60 15.08
N ILE C 219 -2.52 -4.75 13.80
CA ILE C 219 -3.76 -4.19 13.20
C ILE C 219 -4.78 -5.34 13.10
N VAL C 220 -6.02 -5.07 13.50
CA VAL C 220 -7.15 -6.05 13.43
C VAL C 220 -7.65 -6.08 11.98
N LYS C 221 -7.63 -7.24 11.32
CA LYS C 221 -8.00 -7.38 9.89
C LYS C 221 -9.52 -7.28 9.70
N SAM D . 14.24 -0.03 -0.18
CA SAM D . 14.90 -1.14 -0.92
C SAM D . 14.70 -2.45 -0.14
O SAM D . 14.59 -3.51 -0.79
OXT SAM D . 14.64 -2.37 1.10
CB SAM D . 16.39 -0.85 -1.09
CG SAM D . 16.75 0.47 -1.80
SD SAM D . 18.54 0.72 -1.63
CE SAM D . 18.60 1.34 0.05
C5' SAM D . 18.92 2.23 -2.56
C4' SAM D . 18.46 2.24 -3.99
O4' SAM D . 18.26 3.63 -4.39
C3' SAM D . 19.43 1.65 -5.02
O3' SAM D . 18.74 0.72 -5.83
C2' SAM D . 19.88 2.86 -5.84
O2' SAM D . 20.08 2.57 -7.20
C1' SAM D . 18.66 3.76 -5.72
N9 SAM D . 18.92 5.17 -5.98
C8 SAM D . 20.03 5.87 -5.57
N7 SAM D . 19.99 7.13 -5.92
C5 SAM D . 18.78 7.27 -6.57
C6 SAM D . 18.16 8.38 -7.17
N6 SAM D . 18.73 9.59 -7.20
N1 SAM D . 16.93 8.21 -7.71
C2 SAM D . 16.39 6.98 -7.66
N3 SAM D . 16.90 5.86 -7.16
C4 SAM D . 18.10 6.07 -6.61
N SAM E . -7.92 -2.80 -30.25
CA SAM E . -7.16 -2.10 -31.31
C SAM E . -7.79 -0.74 -31.56
O SAM E . -8.94 -0.73 -32.03
OXT SAM E . -7.14 0.27 -31.27
CB SAM E . -7.15 -2.92 -32.61
CG SAM E . -6.18 -4.11 -32.62
SD SAM E . -5.95 -4.65 -34.32
CE SAM E . -7.63 -5.09 -34.78
C5' SAM E . -5.26 -6.34 -34.17
C4' SAM E . -4.06 -6.42 -33.24
O4' SAM E . -3.97 -7.77 -32.76
C3' SAM E . -2.69 -6.08 -33.84
O3' SAM E . -2.04 -5.08 -33.06
C2' SAM E . -1.92 -7.40 -33.77
O2' SAM E . -0.54 -7.21 -33.49
C1' SAM E . -2.61 -8.07 -32.60
N9 SAM E . -2.47 -9.52 -32.55
C8 SAM E . -2.58 -10.40 -33.59
N7 SAM E . -2.42 -11.65 -33.22
C5 SAM E . -2.20 -11.58 -31.85
C6 SAM E . -1.95 -12.57 -30.87
N6 SAM E . -1.88 -13.87 -31.13
N1 SAM E . -1.79 -12.17 -29.60
C2 SAM E . -1.86 -10.87 -29.33
N3 SAM E . -2.06 -9.85 -30.16
C4 SAM E . -2.23 -10.28 -31.42
N SAM F . 2.55 3.77 30.04
CA SAM F . 1.99 4.56 31.16
C SAM F . 2.41 6.04 31.05
O SAM F . 3.36 6.33 30.30
OXT SAM F . 1.77 6.86 31.70
CB SAM F . 2.46 3.98 32.50
CG SAM F . 1.79 2.66 32.92
SD SAM F . 2.87 1.79 34.10
CE SAM F . 3.97 0.93 32.97
C5' SAM F . 1.90 0.39 34.77
C4' SAM F . 0.58 0.74 35.43
O4' SAM F . -0.30 -0.41 35.36
C3' SAM F . 0.67 1.10 36.92
O3' SAM F . -0.03 2.31 37.15
C2' SAM F . 0.00 -0.09 37.62
O2' SAM F . -0.59 0.29 38.84
C1' SAM F . -1.02 -0.49 36.56
N9 SAM F . -1.57 -1.83 36.70
C8 SAM F . -0.94 -2.96 37.17
N7 SAM F . -1.72 -4.01 37.20
C5 SAM F . -2.93 -3.55 36.74
C6 SAM F . -4.17 -4.18 36.56
N6 SAM F . -4.37 -5.47 36.84
N1 SAM F . -5.20 -3.44 36.08
C2 SAM F . -4.98 -2.14 35.82
N3 SAM F . -3.86 -1.43 35.95
C4 SAM F . -2.86 -2.21 36.42
#